data_2V7H
#
_entry.id   2V7H
#
_cell.length_a   40.021
_cell.length_b   79.737
_cell.length_c   132.276
_cell.angle_alpha   90.00
_cell.angle_beta   90.75
_cell.angle_gamma   90.00
#
_symmetry.space_group_name_H-M   'P 1 21 1'
#
loop_
_entity.id
_entity.type
_entity.pdbx_description
1 polymer 'MONOCLONAL ANTIBODY'
2 polymer 'MONOCLONAL ANTIBODY'
3 water water
#
loop_
_entity_poly.entity_id
_entity_poly.type
_entity_poly.pdbx_seq_one_letter_code
_entity_poly.pdbx_strand_id
1 'polypeptide(L)'
;DIQMTQTTSSLSASLGDRVTISCRASQDINNYLNWYQQKPDGTVKILIYYTSNLHSGVPSRFSGSGSGTDYSLTISNLEQ
EDIATYFCQQGNTLPRTFGGGTKLEIKRADAAPTVSIFPPSSEQLTSGGASVVCFLNNFYPKDINVKWKIDGSARQNGVL
NSWTDQDSKDSTYSMSSTLTLTKDEYERHNSYTCEATHKTSTSPIVKSFNRNEC
;
A,L
2 'polypeptide(L)'
;QAQLQQSGAELMKPGASVKISCKATGYTFSNYWIDWIKQRPGHGLEWIGEILPGSGSTNYNEKFRGKATFTADTSSNTAY
MQLSSLTSEDSAVYYCTRRGYWAYDFDYWGQGTTLTVSSAKTTPPSVYPLAPGSAAQTNSMVTLGCLVKGYFPEPVTVTW
NSGSLSSGVHTFPAVLQSDLYTLSSSVTVPSSPRPSETVTCNVAHPASSTKVDKKIVPRD
;
B,H
#
# COMPACT_ATOMS: atom_id res chain seq x y z
N ASP A 1 -9.59 10.22 28.20
CA ASP A 1 -8.79 8.96 28.19
C ASP A 1 -9.16 8.07 29.38
N ILE A 2 -9.08 6.77 29.18
CA ILE A 2 -9.41 5.82 30.24
C ILE A 2 -8.26 4.85 30.53
N GLN A 3 -7.72 4.99 31.73
CA GLN A 3 -6.60 4.16 32.19
C GLN A 3 -7.04 2.75 32.56
N MET A 4 -6.60 1.78 31.79
CA MET A 4 -6.91 0.38 32.06
C MET A 4 -5.75 -0.16 32.85
N THR A 5 -6.04 -0.84 33.97
CA THR A 5 -5.00 -1.37 34.82
C THR A 5 -5.10 -2.88 35.07
N GLN A 6 -3.98 -3.57 34.92
CA GLN A 6 -3.94 -5.00 35.15
C GLN A 6 -3.03 -5.11 36.36
N THR A 7 -3.54 -5.72 37.43
CA THR A 7 -2.75 -5.83 38.65
C THR A 7 -1.39 -6.51 38.45
N THR A 8 -1.30 -7.84 38.46
CA THR A 8 0.01 -8.47 38.28
C THR A 8 0.42 -8.46 36.80
N SER A 9 1.62 -7.97 36.51
CA SER A 9 2.10 -7.92 35.13
C SER A 9 2.64 -9.28 34.64
N SER A 10 2.97 -10.16 35.58
CA SER A 10 3.49 -11.50 35.28
C SER A 10 2.86 -12.50 36.24
N LEU A 11 2.68 -13.74 35.78
CA LEU A 11 2.05 -14.77 36.60
C LEU A 11 2.57 -16.16 36.25
N SER A 12 2.97 -16.92 37.27
CA SER A 12 3.47 -18.27 37.08
C SER A 12 2.45 -19.24 37.65
N ALA A 13 2.24 -20.36 36.98
CA ALA A 13 1.26 -21.33 37.46
C ALA A 13 1.55 -22.71 36.92
N SER A 14 1.12 -23.72 37.67
CA SER A 14 1.35 -25.10 37.28
C SER A 14 0.23 -25.58 36.35
N LEU A 15 0.54 -26.60 35.56
CA LEU A 15 -0.43 -27.15 34.63
C LEU A 15 -1.69 -27.58 35.36
N GLY A 16 -2.83 -27.58 34.65
CA GLY A 16 -4.09 -27.96 35.24
C GLY A 16 -4.75 -26.86 36.08
N ASP A 17 -3.91 -26.05 36.71
CA ASP A 17 -4.36 -24.95 37.54
C ASP A 17 -5.32 -24.02 36.85
N ARG A 18 -6.16 -23.39 37.66
CA ARG A 18 -7.15 -22.44 37.19
C ARG A 18 -6.37 -21.14 37.37
N VAL A 19 -6.71 -20.11 36.62
CA VAL A 19 -6.01 -18.85 36.73
C VAL A 19 -6.97 -17.73 36.43
N THR A 20 -6.87 -16.65 37.20
CA THR A 20 -7.74 -15.51 37.01
C THR A 20 -7.01 -14.19 36.92
N ILE A 21 -6.96 -13.63 35.72
CA ILE A 21 -6.30 -12.35 35.48
C ILE A 21 -7.32 -11.22 35.63
N SER A 22 -7.03 -10.23 36.47
CA SER A 22 -7.96 -9.12 36.68
C SER A 22 -7.54 -7.78 36.08
N CYS A 23 -8.47 -7.15 35.39
CA CYS A 23 -8.23 -5.87 34.75
C CYS A 23 -9.25 -4.87 35.31
N ARG A 24 -8.76 -3.70 35.74
CA ARG A 24 -9.59 -2.64 36.32
C ARG A 24 -9.65 -1.39 35.45
N ALA A 25 -10.80 -0.70 35.51
CA ALA A 25 -10.99 0.51 34.72
C ALA A 25 -11.16 1.79 35.56
N SER A 26 -10.76 2.91 34.96
CA SER A 26 -10.82 4.23 35.58
C SER A 26 -12.21 4.63 36.03
N GLN A 27 -13.23 3.94 35.50
CA GLN A 27 -14.64 4.18 35.82
C GLN A 27 -15.57 3.24 35.03
N ASP A 28 -16.83 3.15 35.43
CA ASP A 28 -17.79 2.27 34.74
C ASP A 28 -17.50 2.25 33.24
N ILE A 29 -17.67 1.09 32.62
CA ILE A 29 -17.41 0.93 31.18
C ILE A 29 -18.64 0.35 30.48
N ASN A 30 -19.74 0.23 31.21
CA ASN A 30 -20.99 -0.29 30.65
C ASN A 30 -20.72 -1.64 30.08
N ASN A 31 -19.70 -2.27 30.64
CA ASN A 31 -19.37 -3.58 30.20
C ASN A 31 -18.69 -3.68 28.81
N TYR A 32 -17.98 -2.64 28.41
CA TYR A 32 -17.30 -2.70 27.12
C TYR A 32 -15.83 -3.09 27.30
N LEU A 33 -15.62 -4.32 27.79
CA LEU A 33 -14.28 -4.82 28.03
C LEU A 33 -13.96 -6.12 27.29
N ASN A 34 -12.93 -6.05 26.45
CA ASN A 34 -12.52 -7.20 25.65
C ASN A 34 -11.25 -7.82 26.19
N TRP A 35 -10.94 -9.04 25.74
CA TRP A 35 -9.73 -9.73 26.16
C TRP A 35 -8.97 -10.32 24.99
N TYR A 36 -7.67 -10.11 24.96
CA TYR A 36 -6.84 -10.62 23.89
C TYR A 36 -5.70 -11.51 24.44
N GLN A 37 -5.07 -12.26 23.53
CA GLN A 37 -3.94 -13.14 23.88
C GLN A 37 -2.84 -12.90 22.89
N GLN A 38 -1.64 -12.59 23.34
CA GLN A 38 -0.52 -12.39 22.42
C GLN A 38 0.57 -13.32 22.82
N LYS A 39 0.67 -14.45 22.12
CA LYS A 39 1.71 -15.43 22.44
C LYS A 39 2.96 -14.74 22.00
N PRO A 40 4.12 -15.39 22.18
CA PRO A 40 5.35 -14.74 21.75
C PRO A 40 5.21 -14.40 20.27
N ASP A 41 6.32 -14.12 19.61
CA ASP A 41 6.29 -13.82 18.19
C ASP A 41 5.16 -12.91 17.74
N GLY A 42 4.69 -12.06 18.64
CA GLY A 42 3.65 -11.10 18.31
C GLY A 42 2.27 -11.56 17.90
N THR A 43 2.09 -12.83 17.60
CA THR A 43 0.76 -13.30 17.21
C THR A 43 -0.30 -13.02 18.29
N VAL A 44 -1.39 -12.35 17.90
CA VAL A 44 -2.48 -12.00 18.83
C VAL A 44 -3.78 -12.38 18.22
N LYS A 45 -4.69 -12.81 19.05
CA LYS A 45 -6.00 -13.21 18.60
C LYS A 45 -6.88 -12.85 19.76
N ILE A 46 -8.11 -12.41 19.49
CA ILE A 46 -9.01 -12.05 20.56
C ILE A 46 -9.32 -13.28 21.38
N LEU A 47 -10.01 -13.08 22.50
CA LEU A 47 -10.34 -14.17 23.39
C LEU A 47 -11.80 -14.02 23.81
N ILE A 48 -12.15 -12.80 24.20
CA ILE A 48 -13.49 -12.50 24.64
C ILE A 48 -13.82 -11.08 24.28
N TYR A 49 -15.09 -10.79 24.00
CA TYR A 49 -15.41 -9.42 23.69
C TYR A 49 -16.39 -8.93 24.80
N TYR A 50 -17.18 -7.89 24.55
CA TYR A 50 -18.11 -7.39 25.55
C TYR A 50 -17.99 -7.89 26.99
N THR A 51 -17.44 -7.08 27.91
CA THR A 51 -17.35 -7.44 29.34
C THR A 51 -17.08 -8.89 29.66
N SER A 52 -16.18 -9.50 28.90
CA SER A 52 -15.87 -10.88 29.17
C SER A 52 -17.10 -11.71 28.81
N ASN A 53 -17.15 -12.92 29.36
CA ASN A 53 -18.25 -13.81 29.06
C ASN A 53 -18.22 -14.24 27.58
N LEU A 54 -18.41 -13.29 26.64
CA LEU A 54 -18.45 -13.62 25.21
C LEU A 54 -17.16 -13.95 24.40
N HIS A 55 -17.13 -15.17 23.85
CA HIS A 55 -16.04 -15.73 23.01
C HIS A 55 -16.07 -15.31 21.57
N SER A 56 -15.30 -16.05 20.77
CA SER A 56 -15.23 -15.84 19.32
C SER A 56 -14.97 -17.12 18.51
N GLY A 57 -14.92 -18.27 19.18
CA GLY A 57 -14.63 -19.50 18.47
C GLY A 57 -13.39 -20.12 19.09
N VAL A 58 -12.91 -19.48 20.15
CA VAL A 58 -11.72 -19.89 20.91
C VAL A 58 -12.08 -20.97 21.93
N PRO A 59 -11.07 -21.54 22.60
CA PRO A 59 -11.26 -22.58 23.62
C PRO A 59 -12.35 -22.24 24.63
N SER A 60 -12.94 -23.27 25.23
CA SER A 60 -14.01 -23.06 26.19
C SER A 60 -13.55 -22.92 27.64
N ARG A 61 -12.25 -23.03 27.88
CA ARG A 61 -11.73 -22.89 29.24
C ARG A 61 -11.43 -21.44 29.56
N PHE A 62 -11.70 -20.56 28.59
CA PHE A 62 -11.49 -19.15 28.77
C PHE A 62 -12.85 -18.56 29.10
N SER A 63 -12.89 -17.66 30.06
CA SER A 63 -14.14 -17.00 30.41
C SER A 63 -13.81 -15.72 31.15
N GLY A 64 -14.82 -14.89 31.37
CA GLY A 64 -14.57 -13.66 32.08
C GLY A 64 -15.81 -13.04 32.68
N SER A 65 -15.63 -12.45 33.86
CA SER A 65 -16.71 -11.77 34.56
C SER A 65 -16.39 -10.28 34.54
N GLY A 66 -17.26 -9.45 35.12
CA GLY A 66 -17.01 -8.02 35.12
C GLY A 66 -18.22 -7.10 35.18
N SER A 67 -18.08 -6.05 36.00
CA SER A 67 -19.13 -5.05 36.19
C SER A 67 -18.51 -3.66 36.36
N GLY A 68 -18.95 -2.74 35.50
CA GLY A 68 -18.52 -1.36 35.52
C GLY A 68 -17.04 -1.01 35.52
N THR A 69 -16.30 -1.50 36.50
CA THR A 69 -14.90 -1.15 36.59
C THR A 69 -14.00 -2.32 36.77
N ASP A 70 -14.55 -3.37 37.39
CA ASP A 70 -13.77 -4.56 37.66
C ASP A 70 -14.24 -5.75 36.83
N TYR A 71 -13.43 -6.12 35.86
CA TYR A 71 -13.75 -7.26 35.03
C TYR A 71 -12.59 -8.19 35.28
N SER A 72 -12.56 -9.34 34.60
CA SER A 72 -11.46 -10.26 34.79
C SER A 72 -11.61 -11.49 33.91
N LEU A 73 -10.49 -11.89 33.31
CA LEU A 73 -10.47 -13.07 32.46
C LEU A 73 -10.04 -14.31 33.28
N THR A 74 -10.62 -15.47 32.97
CA THR A 74 -10.28 -16.70 33.69
C THR A 74 -9.96 -17.93 32.84
N ILE A 75 -8.83 -18.53 33.16
CA ILE A 75 -8.37 -19.74 32.47
C ILE A 75 -8.60 -20.85 33.48
N SER A 76 -9.50 -21.78 33.14
CA SER A 76 -9.89 -22.87 34.03
C SER A 76 -8.85 -23.97 34.16
N ASN A 77 -8.55 -24.63 33.05
CA ASN A 77 -7.57 -25.69 33.04
C ASN A 77 -6.40 -25.14 32.25
N LEU A 78 -5.21 -25.16 32.85
CA LEU A 78 -4.04 -24.64 32.17
C LEU A 78 -3.37 -25.70 31.30
N GLU A 79 -3.19 -25.39 30.02
CA GLU A 79 -2.56 -26.29 29.06
C GLU A 79 -1.22 -25.68 28.69
N GLN A 80 -0.23 -26.52 28.44
CA GLN A 80 1.09 -26.06 28.09
C GLN A 80 1.14 -25.31 26.76
N GLU A 81 0.12 -24.50 26.50
CA GLU A 81 0.08 -23.73 25.26
C GLU A 81 -0.54 -22.38 25.60
N ASP A 82 -0.99 -22.26 26.83
CA ASP A 82 -1.60 -21.03 27.31
C ASP A 82 -0.54 -20.00 27.73
N ILE A 83 0.74 -20.30 27.51
CA ILE A 83 1.77 -19.35 27.91
C ILE A 83 1.88 -18.20 26.92
N ALA A 84 1.46 -17.02 27.34
CA ALA A 84 1.52 -15.84 26.51
C ALA A 84 1.20 -14.64 27.37
N THR A 85 0.98 -13.48 26.73
CA THR A 85 0.65 -12.27 27.46
C THR A 85 -0.79 -11.95 27.16
N TYR A 86 -1.59 -11.68 28.19
CA TYR A 86 -3.01 -11.34 28.04
C TYR A 86 -3.32 -9.88 28.37
N PHE A 87 -4.01 -9.20 27.45
CA PHE A 87 -4.38 -7.80 27.62
C PHE A 87 -5.89 -7.64 27.71
N CYS A 88 -6.33 -6.46 28.11
CA CYS A 88 -7.76 -6.15 28.18
C CYS A 88 -7.90 -4.83 27.48
N GLN A 89 -9.10 -4.52 27.04
CA GLN A 89 -9.30 -3.27 26.34
C GLN A 89 -10.76 -2.84 26.25
N GLN A 90 -11.04 -1.66 26.81
CA GLN A 90 -12.39 -1.08 26.78
C GLN A 90 -12.64 -0.38 25.45
N GLY A 91 -13.79 -0.67 24.85
CA GLY A 91 -14.15 -0.01 23.60
C GLY A 91 -15.42 0.78 23.86
N ASN A 92 -15.41 1.52 24.96
CA ASN A 92 -16.57 2.31 25.33
C ASN A 92 -16.38 3.77 25.00
N THR A 93 -15.42 4.42 25.66
CA THR A 93 -15.15 5.83 25.40
C THR A 93 -13.96 5.88 24.47
N LEU A 94 -13.38 7.07 24.31
CA LEU A 94 -12.21 7.23 23.46
C LEU A 94 -11.12 8.01 24.19
N PRO A 95 -9.86 7.78 23.81
CA PRO A 95 -9.60 6.81 22.75
C PRO A 95 -9.59 5.41 23.36
N ARG A 96 -9.54 4.39 22.50
CA ARG A 96 -9.55 3.00 22.95
C ARG A 96 -8.27 2.69 23.70
N THR A 97 -8.39 2.17 24.90
CA THR A 97 -7.21 1.87 25.70
C THR A 97 -7.08 0.43 26.10
N PHE A 98 -5.84 -0.02 26.29
CA PHE A 98 -5.52 -1.39 26.68
C PHE A 98 -4.92 -1.43 28.09
N GLY A 99 -4.93 -2.61 28.71
CA GLY A 99 -4.34 -2.76 30.03
C GLY A 99 -2.82 -2.85 29.84
N GLY A 100 -2.09 -3.13 30.91
CA GLY A 100 -0.65 -3.22 30.78
C GLY A 100 -0.14 -4.57 30.27
N GLY A 101 -0.95 -5.60 30.47
CA GLY A 101 -0.58 -6.93 30.03
C GLY A 101 -0.41 -7.87 31.23
N THR A 102 -0.20 -9.15 30.95
CA THR A 102 -0.02 -10.14 32.00
C THR A 102 0.59 -11.40 31.44
N LYS A 103 1.92 -11.47 31.50
CA LYS A 103 2.66 -12.62 31.00
C LYS A 103 2.34 -13.81 31.92
N LEU A 104 1.87 -14.90 31.32
CA LEU A 104 1.53 -16.10 32.06
C LEU A 104 2.62 -17.13 31.84
N GLU A 105 3.13 -17.72 32.92
CA GLU A 105 4.20 -18.71 32.84
C GLU A 105 3.70 -20.03 33.39
N ILE A 106 4.27 -21.12 32.92
CA ILE A 106 3.85 -22.43 33.40
C ILE A 106 4.95 -23.08 34.22
N LYS A 107 4.79 -23.03 35.54
CA LYS A 107 5.72 -23.63 36.46
C LYS A 107 5.93 -25.10 36.07
N ARG A 108 7.19 -25.53 36.08
CA ARG A 108 7.56 -26.89 35.72
C ARG A 108 8.85 -27.25 36.47
N ALA A 109 9.10 -28.54 36.64
CA ALA A 109 10.27 -29.03 37.36
C ALA A 109 11.59 -28.30 37.11
N ASP A 110 12.31 -28.06 38.20
CA ASP A 110 13.61 -27.40 38.16
C ASP A 110 14.55 -28.30 37.38
N ALA A 111 15.15 -27.74 36.34
CA ALA A 111 16.08 -28.49 35.50
C ALA A 111 17.39 -27.71 35.37
N ALA A 112 18.40 -28.38 34.82
CA ALA A 112 19.69 -27.75 34.63
C ALA A 112 19.94 -27.44 33.15
N PRO A 113 20.70 -26.38 32.90
CA PRO A 113 21.00 -25.99 31.54
C PRO A 113 22.04 -26.91 30.93
N THR A 114 21.96 -27.12 29.62
CA THR A 114 22.93 -27.94 28.93
C THR A 114 23.86 -26.92 28.28
N VAL A 115 25.08 -26.84 28.81
CA VAL A 115 26.10 -25.89 28.31
C VAL A 115 26.93 -26.38 27.13
N SER A 116 27.42 -25.43 26.35
CA SER A 116 28.21 -25.73 25.17
C SER A 116 28.96 -24.49 24.76
N ILE A 117 30.28 -24.55 24.80
CA ILE A 117 31.06 -23.40 24.41
C ILE A 117 31.61 -23.67 23.04
N PHE A 118 31.87 -22.61 22.30
CA PHE A 118 32.41 -22.74 20.97
C PHE A 118 33.51 -21.70 20.73
N PRO A 119 34.60 -22.10 20.11
CA PRO A 119 35.77 -21.31 19.79
C PRO A 119 35.46 -20.45 18.57
N PRO A 120 36.28 -19.43 18.28
CA PRO A 120 36.02 -18.58 17.10
C PRO A 120 35.98 -19.47 15.86
N SER A 121 35.31 -19.04 14.81
CA SER A 121 35.29 -19.88 13.62
C SER A 121 36.54 -19.58 12.82
N SER A 122 36.94 -20.53 11.97
CA SER A 122 38.09 -20.29 11.15
C SER A 122 37.81 -19.00 10.39
N GLU A 123 36.59 -18.90 9.84
CA GLU A 123 36.20 -17.73 9.05
C GLU A 123 36.30 -16.35 9.68
N GLN A 124 35.81 -16.15 10.91
CA GLN A 124 35.87 -14.81 11.53
C GLN A 124 37.27 -14.39 11.97
N LEU A 125 38.11 -15.37 12.24
CA LEU A 125 39.46 -15.07 12.66
C LEU A 125 40.18 -14.37 11.52
N THR A 126 39.97 -14.84 10.30
CA THR A 126 40.59 -14.24 9.12
C THR A 126 40.29 -12.75 9.04
N SER A 127 39.20 -12.36 9.68
CA SER A 127 38.77 -10.97 9.65
C SER A 127 39.23 -10.12 10.84
N GLY A 128 40.06 -10.68 11.73
CA GLY A 128 40.56 -9.94 12.87
C GLY A 128 39.66 -9.82 14.09
N GLY A 129 38.73 -10.77 14.23
CA GLY A 129 37.80 -10.75 15.35
C GLY A 129 37.64 -12.12 15.97
N ALA A 130 37.55 -12.17 17.29
CA ALA A 130 37.41 -13.45 17.98
C ALA A 130 36.21 -13.47 18.93
N SER A 131 35.14 -14.17 18.52
CA SER A 131 33.94 -14.28 19.32
C SER A 131 33.72 -15.68 19.84
N VAL A 132 33.52 -15.81 21.15
CA VAL A 132 33.30 -17.10 21.79
C VAL A 132 31.87 -17.27 22.27
N VAL A 133 31.18 -18.23 21.70
CA VAL A 133 29.80 -18.46 22.04
C VAL A 133 29.63 -19.60 23.02
N CYS A 134 28.76 -19.38 24.00
CA CYS A 134 28.45 -20.40 24.98
C CYS A 134 26.94 -20.49 25.05
N PHE A 135 26.41 -21.71 25.09
CA PHE A 135 24.97 -21.86 25.15
C PHE A 135 24.55 -22.52 26.46
N LEU A 136 23.53 -21.96 27.09
CA LEU A 136 23.00 -22.50 28.33
C LEU A 136 21.56 -22.74 27.97
N ASN A 137 21.23 -23.97 27.61
CA ASN A 137 19.86 -24.24 27.18
C ASN A 137 19.01 -25.17 28.00
N ASN A 138 17.70 -24.96 27.88
CA ASN A 138 16.67 -25.77 28.53
C ASN A 138 16.81 -25.85 30.03
N PHE A 139 16.70 -24.70 30.67
CA PHE A 139 16.84 -24.65 32.10
C PHE A 139 15.60 -24.07 32.76
N TYR A 140 15.47 -24.32 34.05
CA TYR A 140 14.36 -23.79 34.79
C TYR A 140 14.83 -23.87 36.21
N PRO A 141 14.59 -22.81 36.99
CA PRO A 141 13.90 -21.57 36.60
C PRO A 141 14.73 -20.64 35.72
N LYS A 142 14.06 -19.61 35.20
CA LYS A 142 14.69 -18.64 34.29
C LYS A 142 15.86 -17.88 34.89
N ASP A 143 15.89 -17.72 36.20
CA ASP A 143 17.02 -17.00 36.80
C ASP A 143 18.28 -17.85 36.90
N ILE A 144 19.22 -17.54 36.02
CA ILE A 144 20.49 -18.25 36.00
C ILE A 144 21.60 -17.23 35.84
N ASN A 145 22.85 -17.66 35.97
CA ASN A 145 23.98 -16.73 35.87
C ASN A 145 25.07 -17.21 34.91
N VAL A 146 25.80 -16.27 34.31
CA VAL A 146 26.89 -16.59 33.39
C VAL A 146 28.11 -15.71 33.57
N LYS A 147 29.27 -16.33 33.71
CA LYS A 147 30.53 -15.60 33.85
C LYS A 147 31.66 -16.20 33.00
N TRP A 148 32.45 -15.32 32.38
CA TRP A 148 33.56 -15.78 31.58
C TRP A 148 34.88 -15.58 32.33
N LYS A 149 35.72 -16.61 32.28
CA LYS A 149 37.02 -16.56 32.90
C LYS A 149 38.04 -16.89 31.80
N ILE A 150 38.80 -15.90 31.36
CA ILE A 150 39.81 -16.13 30.34
C ILE A 150 41.12 -16.37 31.07
N ASP A 151 41.68 -17.57 30.89
CA ASP A 151 42.93 -17.91 31.57
C ASP A 151 42.77 -17.64 33.07
N GLY A 152 41.68 -18.15 33.63
CA GLY A 152 41.41 -17.94 35.04
C GLY A 152 41.22 -16.47 35.43
N SER A 153 40.35 -15.75 34.73
CA SER A 153 40.14 -14.36 35.08
C SER A 153 38.71 -13.86 34.89
N ALA A 154 38.55 -12.55 34.68
CA ALA A 154 37.23 -11.94 34.56
C ALA A 154 36.64 -11.70 33.17
N ARG A 155 35.32 -11.57 33.17
CA ARG A 155 34.48 -11.26 32.00
C ARG A 155 34.23 -9.75 32.14
N GLN A 156 32.96 -9.36 32.05
CA GLN A 156 32.50 -7.98 32.23
C GLN A 156 32.64 -7.09 31.00
N ASN A 157 33.61 -7.41 30.15
CA ASN A 157 33.90 -6.67 28.92
C ASN A 157 33.89 -7.56 27.68
N GLY A 158 32.99 -7.26 26.76
CA GLY A 158 32.90 -8.02 25.54
C GLY A 158 31.85 -9.11 25.58
N VAL A 159 31.02 -9.10 26.63
CA VAL A 159 29.99 -10.13 26.74
C VAL A 159 28.60 -9.58 26.49
N LEU A 160 27.89 -10.20 25.56
CA LEU A 160 26.53 -9.78 25.28
C LEU A 160 25.67 -11.01 25.50
N ASN A 161 24.51 -10.82 26.12
CA ASN A 161 23.66 -11.95 26.40
C ASN A 161 22.30 -11.87 25.71
N SER A 162 21.55 -12.96 25.77
CA SER A 162 20.24 -12.99 25.14
C SER A 162 19.41 -14.14 25.69
N TRP A 163 18.36 -13.82 26.43
CA TRP A 163 17.50 -14.85 26.99
C TRP A 163 16.34 -15.10 26.05
N THR A 164 15.75 -16.30 26.13
CA THR A 164 14.61 -16.62 25.27
C THR A 164 13.32 -16.59 26.08
N ASP A 165 12.20 -16.59 25.39
CA ASP A 165 10.94 -16.64 26.07
C ASP A 165 10.84 -18.11 26.46
N GLN A 166 9.94 -18.42 27.39
CA GLN A 166 9.79 -19.81 27.83
C GLN A 166 9.33 -20.65 26.64
N ASP A 167 9.94 -21.82 26.45
CA ASP A 167 9.54 -22.68 25.32
C ASP A 167 8.10 -23.11 25.53
N SER A 168 7.37 -23.37 24.44
CA SER A 168 5.98 -23.76 24.54
C SER A 168 5.75 -25.26 24.51
N LYS A 169 6.81 -26.06 24.44
CA LYS A 169 6.64 -27.50 24.42
C LYS A 169 7.34 -28.23 25.57
N ASP A 170 8.09 -27.47 26.34
CA ASP A 170 8.76 -27.94 27.51
C ASP A 170 8.98 -26.57 28.09
N SER A 171 8.29 -26.31 29.19
CA SER A 171 8.35 -25.00 29.83
C SER A 171 9.75 -24.79 30.35
N THR A 172 10.65 -24.50 29.44
CA THR A 172 12.04 -24.27 29.80
C THR A 172 12.50 -23.01 29.09
N TYR A 173 13.60 -22.48 29.57
CA TYR A 173 14.21 -21.25 29.04
C TYR A 173 15.62 -21.60 28.58
N SER A 174 16.24 -20.69 27.84
CA SER A 174 17.61 -20.91 27.37
C SER A 174 18.32 -19.59 27.22
N MET A 175 19.63 -19.58 27.47
CA MET A 175 20.38 -18.35 27.38
C MET A 175 21.60 -18.52 26.50
N SER A 176 21.98 -17.46 25.81
CA SER A 176 23.14 -17.48 24.94
C SER A 176 24.04 -16.37 25.47
N SER A 177 25.35 -16.56 25.41
CA SER A 177 26.30 -15.57 25.90
C SER A 177 27.44 -15.48 24.90
N THR A 178 27.99 -14.29 24.70
CA THR A 178 29.04 -14.17 23.73
C THR A 178 30.22 -13.30 24.15
N LEU A 179 31.37 -13.93 24.31
CA LEU A 179 32.58 -13.21 24.67
C LEU A 179 33.33 -12.84 23.38
N THR A 180 33.45 -11.54 23.13
CA THR A 180 34.12 -11.06 21.93
C THR A 180 35.40 -10.31 22.26
N LEU A 181 36.36 -10.39 21.34
CA LEU A 181 37.66 -9.74 21.47
C LEU A 181 38.30 -9.62 20.10
N THR A 182 39.44 -8.93 20.03
CA THR A 182 40.16 -8.81 18.77
C THR A 182 40.95 -10.09 18.64
N LYS A 183 40.94 -10.66 17.45
CA LYS A 183 41.69 -11.88 17.20
C LYS A 183 43.00 -11.74 17.96
N ASP A 184 43.54 -10.54 17.95
CA ASP A 184 44.80 -10.27 18.61
C ASP A 184 44.83 -10.60 20.08
N GLU A 185 43.76 -10.34 20.80
CA GLU A 185 43.78 -10.65 22.22
C GLU A 185 43.41 -12.13 22.42
N TYR A 186 42.70 -12.69 21.46
CA TYR A 186 42.30 -14.08 21.57
C TYR A 186 43.54 -14.97 21.59
N GLU A 187 44.57 -14.55 20.84
CA GLU A 187 45.81 -15.31 20.75
C GLU A 187 46.77 -15.04 21.92
N ARG A 188 46.40 -14.13 22.81
CA ARG A 188 47.21 -13.82 23.98
C ARG A 188 46.90 -14.72 25.17
N HIS A 189 45.94 -15.64 25.03
CA HIS A 189 45.56 -16.53 26.13
C HIS A 189 45.32 -17.94 25.59
N ASN A 190 45.27 -18.93 26.49
CA ASN A 190 45.06 -20.33 26.08
C ASN A 190 43.77 -20.96 26.62
N SER A 191 43.34 -20.57 27.81
CA SER A 191 42.12 -21.13 28.38
C SER A 191 40.99 -20.09 28.31
N TYR A 192 39.81 -20.57 27.87
CA TYR A 192 38.61 -19.73 27.76
C TYR A 192 37.49 -20.51 28.41
N THR A 193 36.91 -19.94 29.48
CA THR A 193 35.89 -20.62 30.28
C THR A 193 34.52 -20.00 30.41
N CYS A 194 33.49 -20.80 30.13
CA CYS A 194 32.10 -20.33 30.27
C CYS A 194 31.59 -20.90 31.60
N GLU A 195 31.47 -20.04 32.61
CA GLU A 195 31.03 -20.51 33.91
C GLU A 195 29.58 -20.15 34.19
N ALA A 196 28.70 -21.15 34.12
CA ALA A 196 27.27 -20.91 34.37
C ALA A 196 26.87 -21.30 35.79
N THR A 197 26.11 -20.42 36.44
CA THR A 197 25.66 -20.66 37.80
C THR A 197 24.15 -20.64 37.89
N HIS A 198 23.53 -21.79 38.13
CA HIS A 198 22.09 -21.86 38.27
C HIS A 198 21.82 -22.31 39.72
N LYS A 199 20.60 -22.72 40.03
CA LYS A 199 20.30 -23.15 41.38
C LYS A 199 19.88 -24.62 41.46
N THR A 200 20.29 -25.39 40.45
CA THR A 200 19.98 -26.81 40.41
C THR A 200 21.26 -27.58 40.72
N SER A 201 22.36 -26.83 40.78
CA SER A 201 23.69 -27.39 41.09
C SER A 201 24.43 -26.44 42.03
N THR A 202 24.74 -26.93 43.22
CA THR A 202 25.45 -26.16 44.23
C THR A 202 26.87 -25.82 43.75
N SER A 203 27.14 -26.20 42.51
CA SER A 203 28.43 -25.94 41.88
C SER A 203 28.14 -25.65 40.42
N PRO A 204 28.68 -24.53 39.90
CA PRO A 204 28.52 -24.04 38.52
C PRO A 204 28.85 -25.09 37.46
N ILE A 205 27.96 -25.29 36.49
CA ILE A 205 28.23 -26.22 35.42
C ILE A 205 29.23 -25.50 34.53
N VAL A 206 30.35 -26.15 34.25
CA VAL A 206 31.42 -25.52 33.46
C VAL A 206 31.84 -26.16 32.15
N LYS A 207 32.13 -25.31 31.18
CA LYS A 207 32.61 -25.74 29.89
C LYS A 207 33.68 -24.74 29.54
N SER A 208 34.72 -25.22 28.85
CA SER A 208 35.83 -24.39 28.44
C SER A 208 36.76 -25.20 27.55
N PHE A 209 37.66 -24.51 26.85
CA PHE A 209 38.61 -25.19 25.99
C PHE A 209 39.86 -24.34 25.93
N ASN A 210 40.96 -24.96 25.47
CA ASN A 210 42.22 -24.25 25.36
C ASN A 210 42.59 -24.15 23.88
N ARG A 211 43.62 -23.38 23.56
CA ARG A 211 43.96 -23.18 22.16
C ARG A 211 44.96 -24.09 21.46
N ASN A 212 45.96 -24.62 22.16
CA ASN A 212 46.91 -25.50 21.49
C ASN A 212 46.29 -26.89 21.39
N GLU A 213 45.32 -27.16 22.26
CA GLU A 213 44.63 -28.45 22.24
C GLU A 213 43.95 -28.61 20.88
N CYS A 214 43.72 -27.48 20.20
CA CYS A 214 43.07 -27.43 18.90
C CYS A 214 43.95 -26.81 17.80
N GLN B 1 -10.85 -17.95 5.58
CA GLN B 1 -9.99 -17.49 6.72
C GLN B 1 -9.65 -15.98 6.58
N ALA B 2 -10.49 -15.12 7.15
CA ALA B 2 -10.28 -13.67 7.10
C ALA B 2 -9.03 -13.33 7.87
N GLN B 3 -8.18 -12.51 7.27
CA GLN B 3 -6.95 -12.08 7.90
C GLN B 3 -6.47 -10.81 7.21
N LEU B 4 -5.33 -10.29 7.67
CA LEU B 4 -4.80 -9.07 7.11
C LEU B 4 -3.31 -9.22 6.81
N GLN B 5 -2.93 -9.13 5.55
CA GLN B 5 -1.54 -9.24 5.17
C GLN B 5 -0.88 -7.90 5.49
N GLN B 6 0.05 -7.90 6.43
CA GLN B 6 0.74 -6.67 6.84
C GLN B 6 2.22 -6.65 6.45
N SER B 7 2.93 -5.65 6.94
CA SER B 7 4.37 -5.41 6.72
C SER B 7 4.73 -4.37 5.68
N GLY B 8 4.65 -3.10 6.10
CA GLY B 8 5.02 -1.99 5.21
C GLY B 8 6.54 -1.88 5.25
N ALA B 9 7.10 -0.71 4.91
CA ALA B 9 8.56 -0.54 4.93
C ALA B 9 9.04 -0.53 6.39
N GLU B 10 10.16 -1.19 6.66
CA GLU B 10 10.65 -1.26 8.02
C GLU B 10 11.76 -0.31 8.37
N LEU B 11 12.35 0.38 7.40
CA LEU B 11 13.43 1.28 7.75
C LEU B 11 13.54 2.56 6.95
N MET B 12 13.46 3.69 7.65
CA MET B 12 13.55 5.01 7.05
C MET B 12 14.26 5.90 8.04
N LYS B 13 15.11 6.77 7.52
CA LYS B 13 15.88 7.67 8.35
C LYS B 13 15.03 8.59 9.20
N PRO B 14 15.51 8.89 10.41
CA PRO B 14 14.76 9.77 11.30
C PRO B 14 14.56 11.08 10.57
N GLY B 15 13.37 11.65 10.70
CA GLY B 15 13.08 12.92 10.02
C GLY B 15 12.34 12.78 8.70
N ALA B 16 12.10 11.54 8.28
CA ALA B 16 11.39 11.27 7.04
C ALA B 16 10.05 10.58 7.37
N SER B 17 9.54 9.80 6.43
CA SER B 17 8.26 9.12 6.65
C SER B 17 8.19 7.76 5.97
N VAL B 18 7.10 7.04 6.23
CA VAL B 18 6.86 5.73 5.64
C VAL B 18 5.36 5.54 5.46
N LYS B 19 4.97 4.33 5.07
CA LYS B 19 3.57 4.00 4.86
C LYS B 19 3.35 2.50 5.05
N ILE B 20 3.28 2.07 6.30
CA ILE B 20 3.05 0.66 6.59
C ILE B 20 1.76 0.28 5.85
N SER B 21 1.80 -0.88 5.21
CA SER B 21 0.65 -1.34 4.42
C SER B 21 -0.15 -2.44 5.08
N CYS B 22 -1.49 -2.34 5.01
CA CYS B 22 -2.39 -3.34 5.59
C CYS B 22 -3.52 -3.82 4.68
N LYS B 23 -3.30 -5.00 4.13
CA LYS B 23 -4.22 -5.72 3.23
C LYS B 23 -5.20 -6.53 4.10
N ALA B 24 -6.49 -6.39 3.87
CA ALA B 24 -7.42 -7.15 4.66
C ALA B 24 -8.36 -7.86 3.71
N THR B 25 -8.15 -9.13 3.50
CA THR B 25 -9.02 -9.87 2.61
C THR B 25 -9.52 -11.07 3.37
N GLY B 26 -10.83 -11.32 3.31
CA GLY B 26 -11.41 -12.44 4.02
C GLY B 26 -12.77 -12.00 4.53
N TYR B 27 -13.25 -10.91 3.97
CA TYR B 27 -14.53 -10.33 4.34
C TYR B 27 -14.69 -9.09 3.47
N THR B 28 -15.79 -8.37 3.64
CA THR B 28 -16.01 -7.20 2.82
C THR B 28 -15.25 -5.98 3.35
N PHE B 29 -14.16 -5.64 2.67
CA PHE B 29 -13.29 -4.52 3.07
C PHE B 29 -13.96 -3.23 3.49
N SER B 30 -14.97 -2.79 2.76
CA SER B 30 -15.60 -1.53 3.13
C SER B 30 -16.68 -1.59 4.23
N ASN B 31 -17.03 -2.81 4.66
CA ASN B 31 -18.06 -2.98 5.71
C ASN B 31 -17.61 -2.62 7.10
N TYR B 32 -16.47 -3.16 7.54
CA TYR B 32 -15.96 -2.90 8.89
C TYR B 32 -14.79 -1.93 8.95
N TRP B 33 -14.64 -1.28 10.10
CA TRP B 33 -13.57 -0.29 10.38
C TRP B 33 -12.26 -1.02 10.54
N ILE B 34 -11.16 -0.28 10.46
CA ILE B 34 -9.83 -0.86 10.64
C ILE B 34 -9.14 -0.17 11.83
N ASP B 35 -8.28 -0.89 12.53
CA ASP B 35 -7.58 -0.31 13.66
C ASP B 35 -6.06 -0.37 13.50
N TRP B 36 -5.36 0.62 14.07
CA TRP B 36 -3.89 0.64 14.02
C TRP B 36 -3.37 0.77 15.42
N ILE B 37 -2.73 -0.27 15.88
CA ILE B 37 -2.19 -0.29 17.23
C ILE B 37 -0.67 -0.20 17.24
N LYS B 38 -0.10 0.25 18.36
CA LYS B 38 1.34 0.38 18.50
C LYS B 38 1.85 -0.36 19.72
N GLN B 39 2.98 -1.05 19.53
CA GLN B 39 3.63 -1.80 20.60
C GLN B 39 5.15 -1.56 20.58
N ARG B 40 5.62 -0.69 21.47
CA ARG B 40 7.03 -0.37 21.60
C ARG B 40 7.55 -1.44 22.54
N PRO B 41 8.80 -1.89 22.32
CA PRO B 41 9.42 -2.92 23.17
C PRO B 41 9.29 -2.72 24.68
N GLY B 42 8.70 -1.61 25.11
CA GLY B 42 8.52 -1.36 26.53
C GLY B 42 7.16 -1.94 26.89
N HIS B 43 6.73 -2.87 26.03
CA HIS B 43 5.44 -3.60 26.09
C HIS B 43 4.14 -2.79 26.13
N GLY B 44 4.20 -1.48 25.86
CA GLY B 44 2.99 -0.68 25.85
C GLY B 44 2.24 -0.85 24.52
N LEU B 45 1.00 -1.32 24.60
CA LEU B 45 0.17 -1.52 23.41
C LEU B 45 -0.82 -0.34 23.23
N GLU B 46 -0.32 0.77 22.66
CA GLU B 46 -1.11 1.98 22.45
C GLU B 46 -2.05 1.98 21.26
N TRP B 47 -3.24 2.50 21.48
CA TRP B 47 -4.23 2.55 20.41
C TRP B 47 -4.05 3.82 19.61
N ILE B 48 -3.69 3.70 18.33
CA ILE B 48 -3.50 4.86 17.45
C ILE B 48 -4.85 5.47 17.02
N GLY B 49 -5.40 5.02 15.90
CA GLY B 49 -6.69 5.55 15.46
C GLY B 49 -7.52 4.48 14.77
N GLU B 50 -8.45 4.89 13.92
CA GLU B 50 -9.26 3.91 13.22
C GLU B 50 -9.99 4.56 12.06
N ILE B 51 -10.10 3.82 10.95
CA ILE B 51 -10.74 4.30 9.74
C ILE B 51 -11.82 3.35 9.20
N LEU B 52 -12.81 3.91 8.52
CA LEU B 52 -13.87 3.12 7.92
C LEU B 52 -13.60 3.29 6.43
N PRO B 53 -13.15 2.21 5.79
CA PRO B 53 -12.81 2.11 4.36
C PRO B 53 -13.82 2.66 3.34
N GLY B 54 -15.11 2.46 3.56
CA GLY B 54 -16.06 2.97 2.60
C GLY B 54 -16.16 4.47 2.57
N SER B 55 -16.42 5.05 3.74
CA SER B 55 -16.60 6.50 3.87
C SER B 55 -15.29 7.25 3.67
N GLY B 56 -14.79 7.80 4.78
CA GLY B 56 -13.55 8.55 4.80
C GLY B 56 -13.24 8.28 6.26
N SER B 57 -14.25 8.59 7.10
CA SER B 57 -14.24 8.39 8.52
C SER B 57 -12.89 8.53 9.17
N THR B 58 -12.85 8.27 10.47
CA THR B 58 -11.66 8.30 11.30
C THR B 58 -11.89 8.82 12.69
N ASN B 59 -11.09 8.26 13.58
CA ASN B 59 -11.07 8.61 14.98
C ASN B 59 -9.61 8.36 15.32
N TYR B 60 -8.85 9.45 15.44
CA TYR B 60 -7.44 9.37 15.79
C TYR B 60 -7.31 9.56 17.30
N ASN B 61 -6.16 9.15 17.84
CA ASN B 61 -5.89 9.32 19.27
C ASN B 61 -5.26 10.69 19.37
N GLU B 62 -5.77 11.49 20.29
CA GLU B 62 -5.23 12.83 20.49
C GLU B 62 -3.77 12.79 20.94
N LYS B 63 -3.00 11.87 20.37
CA LYS B 63 -1.59 11.74 20.70
C LYS B 63 -0.85 11.53 19.41
N PHE B 64 -1.30 10.56 18.62
CA PHE B 64 -0.67 10.29 17.37
C PHE B 64 -1.26 11.25 16.36
N ARG B 65 -1.94 12.27 16.88
CA ARG B 65 -2.57 13.27 16.03
C ARG B 65 -1.44 13.99 15.30
N GLY B 66 -1.61 14.23 14.01
CA GLY B 66 -0.58 14.91 13.23
C GLY B 66 0.62 13.99 13.02
N LYS B 67 0.68 12.92 13.79
CA LYS B 67 1.77 11.97 13.72
C LYS B 67 1.45 10.78 12.82
N ALA B 68 0.16 10.63 12.52
CA ALA B 68 -0.32 9.54 11.68
C ALA B 68 -1.53 9.96 10.87
N THR B 69 -1.65 9.42 9.66
CA THR B 69 -2.77 9.70 8.78
C THR B 69 -3.17 8.45 8.01
N PHE B 70 -4.44 8.08 8.18
CA PHE B 70 -5.04 6.89 7.58
C PHE B 70 -5.55 6.96 6.15
N THR B 71 -4.92 6.18 5.27
CA THR B 71 -5.30 6.16 3.86
C THR B 71 -6.22 5.00 3.45
N ALA B 72 -7.31 5.39 2.77
CA ALA B 72 -8.37 4.54 2.24
C ALA B 72 -8.06 3.26 1.45
N ASP B 73 -8.33 3.39 0.16
CA ASP B 73 -8.21 2.40 -0.90
C ASP B 73 -9.21 1.27 -0.84
N THR B 74 -10.35 1.57 -1.43
CA THR B 74 -11.49 0.67 -1.54
C THR B 74 -11.24 -0.35 -2.64
N SER B 75 -10.53 0.10 -3.66
CA SER B 75 -10.18 -0.71 -4.83
C SER B 75 -9.44 -2.00 -4.55
N SER B 76 -8.16 -1.89 -4.20
CA SER B 76 -7.33 -3.06 -3.92
C SER B 76 -7.59 -3.73 -2.58
N ASN B 77 -8.15 -2.97 -1.65
CA ASN B 77 -8.45 -3.46 -0.31
C ASN B 77 -7.16 -3.54 0.46
N THR B 78 -6.71 -2.37 0.84
CA THR B 78 -5.49 -2.26 1.59
C THR B 78 -5.60 -0.94 2.31
N ALA B 79 -5.33 -0.99 3.60
CA ALA B 79 -5.41 0.22 4.41
C ALA B 79 -3.97 0.68 4.52
N TYR B 80 -3.79 1.99 4.69
CA TYR B 80 -2.43 2.51 4.84
C TYR B 80 -2.37 3.44 6.03
N MET B 81 -1.14 3.65 6.52
CA MET B 81 -0.90 4.56 7.62
C MET B 81 0.47 5.15 7.38
N GLN B 82 0.49 6.44 7.08
CA GLN B 82 1.75 7.11 6.87
C GLN B 82 2.14 7.71 8.20
N LEU B 83 3.43 7.63 8.53
CA LEU B 83 3.93 8.20 9.78
C LEU B 83 5.03 9.16 9.36
N SER B 84 4.90 10.40 9.77
CA SER B 84 5.88 11.41 9.44
C SER B 84 6.62 12.01 10.62
N SER B 85 7.61 12.84 10.32
CA SER B 85 8.41 13.46 11.37
C SER B 85 8.83 12.30 12.27
N LEU B 86 9.37 11.27 11.63
CA LEU B 86 9.82 10.08 12.31
C LEU B 86 11.07 10.30 13.14
N THR B 87 11.11 9.65 14.29
CA THR B 87 12.25 9.74 15.18
C THR B 87 12.53 8.36 15.78
N SER B 88 13.35 8.31 16.82
CA SER B 88 13.68 7.05 17.49
C SER B 88 12.52 6.39 18.24
N GLU B 89 11.50 7.17 18.58
CA GLU B 89 10.36 6.63 19.32
C GLU B 89 9.26 6.06 18.45
N ASP B 90 9.27 6.37 17.18
CA ASP B 90 8.25 5.81 16.31
C ASP B 90 8.71 4.39 15.97
N SER B 91 9.96 4.07 16.28
CA SER B 91 10.52 2.75 16.02
C SER B 91 9.78 1.77 16.89
N ALA B 92 8.99 0.90 16.27
CA ALA B 92 8.22 -0.09 17.02
C ALA B 92 7.48 -1.04 16.09
N VAL B 93 6.60 -1.86 16.66
CA VAL B 93 5.84 -2.80 15.87
C VAL B 93 4.40 -2.32 15.74
N TYR B 94 3.97 -2.01 14.51
CA TYR B 94 2.60 -1.54 14.32
C TYR B 94 1.62 -2.62 13.86
N TYR B 95 0.45 -2.63 14.47
CA TYR B 95 -0.58 -3.60 14.14
C TYR B 95 -1.79 -2.97 13.48
N CYS B 96 -2.42 -3.72 12.58
CA CYS B 96 -3.65 -3.27 11.96
C CYS B 96 -4.64 -4.34 12.36
N THR B 97 -5.87 -3.93 12.60
CA THR B 97 -6.88 -4.86 13.05
C THR B 97 -8.20 -4.52 12.44
N ARG B 98 -9.18 -5.38 12.65
CA ARG B 98 -10.49 -5.10 12.16
C ARG B 98 -11.36 -5.03 13.39
N ARG B 99 -12.26 -4.06 13.42
CA ARG B 99 -13.14 -3.96 14.56
C ARG B 99 -14.44 -4.63 14.07
N GLY B 100 -15.14 -5.33 14.97
CA GLY B 100 -16.37 -5.99 14.59
C GLY B 100 -17.52 -5.07 14.91
N TYR B 101 -18.37 -4.73 13.93
CA TYR B 101 -19.45 -3.83 14.31
C TYR B 101 -20.34 -4.49 15.34
N TRP B 102 -20.76 -3.67 16.31
CA TRP B 102 -21.56 -4.07 17.47
C TRP B 102 -20.39 -4.44 18.40
N ALA B 103 -20.20 -3.65 19.45
CA ALA B 103 -19.11 -3.86 20.41
C ALA B 103 -17.82 -3.41 19.74
N TYR B 104 -16.90 -2.87 20.52
CA TYR B 104 -15.66 -2.37 19.93
C TYR B 104 -14.45 -3.20 20.36
N ASP B 105 -14.31 -4.30 19.65
CA ASP B 105 -13.27 -5.27 19.84
C ASP B 105 -12.47 -5.38 18.56
N PHE B 106 -11.29 -5.98 18.66
CA PHE B 106 -10.48 -6.15 17.48
C PHE B 106 -10.45 -7.64 17.32
N ASP B 107 -11.37 -8.14 16.49
CA ASP B 107 -11.53 -9.57 16.23
C ASP B 107 -10.44 -10.26 15.42
N TYR B 108 -9.90 -9.55 14.43
CA TYR B 108 -8.84 -10.15 13.61
C TYR B 108 -7.66 -9.23 13.47
N TRP B 109 -6.52 -9.70 13.98
CA TRP B 109 -5.31 -8.92 13.94
C TRP B 109 -4.38 -9.39 12.84
N GLY B 110 -3.64 -8.44 12.27
CA GLY B 110 -2.66 -8.75 11.25
C GLY B 110 -1.43 -9.20 12.02
N GLN B 111 -0.33 -9.46 11.31
CA GLN B 111 0.90 -9.92 11.94
C GLN B 111 1.80 -8.75 12.29
N GLY B 112 1.21 -7.56 12.20
CA GLY B 112 1.97 -6.38 12.56
C GLY B 112 3.25 -6.23 11.80
N THR B 113 3.69 -4.99 11.68
CA THR B 113 4.92 -4.66 10.98
C THR B 113 5.85 -4.01 11.99
N THR B 114 7.16 -4.19 11.80
CA THR B 114 8.16 -3.62 12.69
C THR B 114 8.81 -2.41 12.03
N LEU B 115 8.56 -1.21 12.56
CA LEU B 115 9.19 -0.04 11.97
C LEU B 115 10.47 0.27 12.71
N THR B 116 11.46 0.72 11.94
CA THR B 116 12.77 1.09 12.46
C THR B 116 13.23 2.43 11.94
N VAL B 117 13.04 3.49 12.74
CA VAL B 117 13.50 4.80 12.32
C VAL B 117 14.98 4.84 12.66
N SER B 118 15.82 5.11 11.67
CA SER B 118 17.27 5.16 11.90
C SER B 118 18.07 5.53 10.66
N SER B 119 19.17 6.22 10.89
CA SER B 119 20.03 6.66 9.81
C SER B 119 21.26 5.76 9.70
N ALA B 120 21.06 4.46 9.84
CA ALA B 120 22.18 3.52 9.78
C ALA B 120 22.23 2.70 8.51
N LYS B 121 23.42 2.60 7.92
CA LYS B 121 23.62 1.86 6.68
C LYS B 121 23.36 0.37 6.80
N THR B 122 22.45 -0.14 5.97
CA THR B 122 22.17 -1.57 5.99
C THR B 122 23.50 -2.30 5.81
N THR B 123 23.60 -3.49 6.39
CA THR B 123 24.82 -4.25 6.32
C THR B 123 24.55 -5.76 6.36
N PRO B 124 25.23 -6.53 5.50
CA PRO B 124 25.10 -7.99 5.40
C PRO B 124 25.49 -8.75 6.67
N PRO B 125 24.64 -9.70 7.10
CA PRO B 125 25.00 -10.44 8.31
C PRO B 125 26.18 -11.33 8.02
N SER B 126 27.29 -11.16 8.72
CA SER B 126 28.43 -12.04 8.49
C SER B 126 28.01 -13.33 9.22
N VAL B 127 28.15 -14.47 8.53
CA VAL B 127 27.75 -15.73 9.13
C VAL B 127 28.91 -16.68 9.35
N TYR B 128 29.16 -16.98 10.62
CA TYR B 128 30.23 -17.90 10.96
C TYR B 128 29.52 -19.10 11.57
N PRO B 129 30.03 -20.30 11.33
CA PRO B 129 29.43 -21.51 11.87
C PRO B 129 30.04 -21.91 13.22
N LEU B 130 29.18 -22.36 14.15
CA LEU B 130 29.61 -22.80 15.48
C LEU B 130 29.64 -24.32 15.52
N ALA B 131 30.87 -24.87 15.51
CA ALA B 131 31.09 -26.32 15.54
C ALA B 131 31.81 -26.69 16.84
N PRO B 132 31.36 -27.77 17.51
CA PRO B 132 31.93 -28.28 18.76
C PRO B 132 33.43 -28.36 18.70
N GLY B 133 34.06 -27.90 19.78
CA GLY B 133 35.52 -27.91 19.83
C GLY B 133 36.22 -28.96 20.67
N SER B 134 35.56 -29.63 21.62
CA SER B 134 36.27 -30.63 22.41
C SER B 134 36.15 -32.12 22.02
N ALA B 135 36.65 -32.44 20.82
CA ALA B 135 36.63 -33.80 20.26
C ALA B 135 35.57 -34.73 20.86
N SER B 140 22.22 -39.60 21.66
CA SER B 140 23.08 -38.71 22.45
C SER B 140 22.98 -37.36 21.76
N MET B 141 23.38 -36.29 22.43
CA MET B 141 23.18 -35.02 21.76
C MET B 141 24.19 -33.92 21.70
N VAL B 142 24.53 -33.52 20.47
CA VAL B 142 25.46 -32.42 20.32
C VAL B 142 24.75 -31.22 19.74
N THR B 143 25.17 -30.06 20.22
CA THR B 143 24.60 -28.81 19.77
C THR B 143 25.63 -28.12 18.91
N LEU B 144 25.15 -27.46 17.86
CA LEU B 144 26.03 -26.76 16.95
C LEU B 144 25.47 -25.36 16.91
N GLY B 145 26.00 -24.50 16.02
CA GLY B 145 25.49 -23.16 15.94
C GLY B 145 25.88 -22.36 14.73
N CYS B 146 25.31 -21.16 14.66
CA CYS B 146 25.55 -20.19 13.59
C CYS B 146 25.61 -18.86 14.33
N LEU B 147 26.62 -18.04 14.04
CA LEU B 147 26.69 -16.77 14.74
C LEU B 147 26.47 -15.76 13.59
N VAL B 148 25.44 -14.93 13.71
CA VAL B 148 25.10 -13.93 12.70
C VAL B 148 25.50 -12.56 13.28
N LYS B 149 26.70 -12.12 12.93
CA LYS B 149 27.25 -10.85 13.43
C LYS B 149 27.25 -9.62 12.52
N GLY B 150 27.01 -8.46 13.14
CA GLY B 150 27.02 -7.19 12.45
C GLY B 150 26.11 -7.05 11.26
N TYR B 151 24.83 -6.76 11.52
CA TYR B 151 23.82 -6.60 10.47
C TYR B 151 22.74 -5.60 10.88
N PHE B 152 22.41 -4.69 9.96
CA PHE B 152 21.39 -3.67 10.20
C PHE B 152 20.64 -3.45 8.90
N PRO B 153 19.32 -3.30 8.96
CA PRO B 153 18.48 -3.31 10.15
C PRO B 153 17.94 -4.71 10.29
N GLU B 154 16.92 -4.87 11.13
CA GLU B 154 16.30 -6.15 11.31
C GLU B 154 15.35 -6.48 10.18
N PRO B 155 15.06 -7.76 9.99
CA PRO B 155 15.64 -8.83 10.79
C PRO B 155 16.42 -9.83 9.92
N VAL B 156 16.61 -11.03 10.45
CA VAL B 156 17.26 -12.07 9.68
C VAL B 156 16.37 -13.26 9.89
N THR B 157 16.60 -14.28 9.08
CA THR B 157 15.81 -15.49 9.16
C THR B 157 16.79 -16.62 9.29
N VAL B 158 16.76 -17.31 10.43
CA VAL B 158 17.67 -18.41 10.61
C VAL B 158 16.91 -19.72 10.65
N THR B 159 17.38 -20.65 9.83
CA THR B 159 16.80 -21.99 9.72
C THR B 159 17.90 -23.03 9.61
N TRP B 160 17.57 -24.26 9.98
CA TRP B 160 18.50 -25.37 9.87
C TRP B 160 17.95 -26.40 8.90
N ASN B 161 18.76 -26.74 7.91
CA ASN B 161 18.39 -27.71 6.90
C ASN B 161 17.15 -27.26 6.14
N SER B 162 17.27 -26.13 5.43
CA SER B 162 16.18 -25.59 4.63
C SER B 162 14.80 -25.84 5.27
N GLY B 163 14.73 -25.77 6.60
CA GLY B 163 13.47 -25.98 7.28
C GLY B 163 13.30 -27.37 7.82
N SER B 164 14.07 -28.33 7.30
CA SER B 164 14.00 -29.73 7.70
C SER B 164 14.28 -30.01 9.17
N LEU B 165 15.17 -29.25 9.80
CA LEU B 165 15.46 -29.43 11.21
C LEU B 165 14.80 -28.27 11.95
N SER B 166 13.85 -28.57 12.83
CA SER B 166 13.13 -27.52 13.55
C SER B 166 13.01 -27.77 15.05
N SER B 167 13.41 -28.96 15.49
CA SER B 167 13.35 -29.33 16.90
C SER B 167 14.77 -29.37 17.46
N GLY B 168 14.92 -28.85 18.67
CA GLY B 168 16.22 -28.81 19.29
C GLY B 168 16.86 -27.54 18.78
N VAL B 169 16.06 -26.74 18.07
CA VAL B 169 16.54 -25.49 17.52
C VAL B 169 16.28 -24.37 18.54
N HIS B 170 17.10 -23.32 18.48
CA HIS B 170 16.96 -22.18 19.38
C HIS B 170 17.57 -20.96 18.73
N THR B 171 16.77 -19.94 18.48
CA THR B 171 17.29 -18.74 17.88
C THR B 171 17.02 -17.62 18.85
N PHE B 172 18.10 -17.07 19.38
CA PHE B 172 18.04 -16.00 20.37
C PHE B 172 17.85 -14.60 19.81
N PRO B 173 17.06 -13.77 20.49
CA PRO B 173 16.82 -12.40 20.02
C PRO B 173 18.19 -11.76 19.82
N ALA B 174 18.25 -10.70 19.01
CA ALA B 174 19.52 -10.05 18.73
C ALA B 174 19.90 -9.08 19.81
N VAL B 175 21.08 -8.47 19.63
CA VAL B 175 21.59 -7.50 20.57
C VAL B 175 22.31 -6.42 19.78
N LEU B 176 21.88 -5.18 19.98
CA LEU B 176 22.50 -4.06 19.28
C LEU B 176 23.72 -3.77 20.13
N GLN B 177 24.90 -3.74 19.51
CA GLN B 177 26.10 -3.49 20.27
C GLN B 177 26.54 -2.07 19.97
N SER B 178 26.52 -1.71 18.70
CA SER B 178 26.91 -0.38 18.27
C SER B 178 26.44 -0.26 16.85
N ASP B 179 25.21 0.20 16.70
CA ASP B 179 24.61 0.34 15.39
C ASP B 179 24.41 -1.00 14.68
N LEU B 180 25.10 -2.03 15.12
CA LEU B 180 24.91 -3.31 14.45
C LEU B 180 24.31 -4.38 15.36
N TYR B 181 23.54 -5.28 14.76
CA TYR B 181 22.94 -6.36 15.51
C TYR B 181 23.84 -7.55 15.36
N THR B 182 23.67 -8.52 16.25
CA THR B 182 24.46 -9.75 16.22
C THR B 182 23.63 -10.79 16.93
N LEU B 183 23.22 -11.82 16.21
CA LEU B 183 22.41 -12.83 16.85
C LEU B 183 22.94 -14.17 16.50
N SER B 184 22.59 -15.17 17.29
CA SER B 184 23.04 -16.53 17.07
C SER B 184 21.89 -17.49 17.32
N SER B 185 22.02 -18.71 16.80
CA SER B 185 20.97 -19.70 16.99
C SER B 185 21.65 -21.02 17.27
N SER B 186 20.98 -21.90 18.01
CA SER B 186 21.58 -23.18 18.30
C SER B 186 20.62 -24.29 17.90
N VAL B 187 21.17 -25.46 17.58
CA VAL B 187 20.36 -26.59 17.18
C VAL B 187 21.02 -27.86 17.69
N THR B 188 20.25 -28.68 18.41
CA THR B 188 20.76 -29.92 18.97
C THR B 188 20.25 -31.10 18.18
N VAL B 189 21.09 -32.12 18.05
CA VAL B 189 20.69 -33.32 17.34
C VAL B 189 21.37 -34.52 17.96
N PRO B 190 20.88 -35.72 17.67
CA PRO B 190 21.45 -36.94 18.20
C PRO B 190 22.87 -36.98 17.62
N SER B 191 23.82 -37.57 18.36
CA SER B 191 25.21 -37.60 17.90
C SER B 191 25.38 -38.30 16.55
N SER B 192 24.67 -39.42 16.37
CA SER B 192 24.72 -40.17 15.13
C SER B 192 24.56 -39.26 13.91
N PRO B 193 23.52 -38.40 13.90
CA PRO B 193 23.23 -37.46 12.81
C PRO B 193 24.41 -36.64 12.30
N ARG B 194 25.25 -36.15 13.20
CA ARG B 194 26.38 -35.34 12.79
C ARG B 194 27.67 -35.78 13.46
N PRO B 195 28.80 -35.63 12.76
CA PRO B 195 28.81 -35.09 11.41
C PRO B 195 28.55 -36.16 10.37
N SER B 196 28.03 -37.30 10.86
CA SER B 196 27.69 -38.43 10.00
C SER B 196 26.83 -37.91 8.87
N GLU B 197 26.03 -36.88 9.17
CA GLU B 197 25.18 -36.25 8.17
C GLU B 197 25.28 -34.73 8.25
N THR B 198 24.90 -34.08 7.14
CA THR B 198 24.95 -32.63 6.99
C THR B 198 23.94 -31.82 7.81
N VAL B 199 24.44 -30.74 8.40
CA VAL B 199 23.63 -29.82 9.18
C VAL B 199 24.02 -28.41 8.75
N THR B 200 23.09 -27.73 8.08
CA THR B 200 23.33 -26.37 7.60
C THR B 200 22.29 -25.32 8.04
N CYS B 201 22.75 -24.23 8.65
CA CYS B 201 21.87 -23.15 9.09
C CYS B 201 21.84 -22.08 8.02
N ASN B 202 20.72 -21.96 7.32
CA ASN B 202 20.58 -20.94 6.28
C ASN B 202 20.04 -19.65 6.92
N VAL B 203 20.78 -18.56 6.79
CA VAL B 203 20.32 -17.31 7.37
C VAL B 203 19.90 -16.36 6.25
N ALA B 204 18.78 -15.66 6.45
CA ALA B 204 18.23 -14.71 5.47
C ALA B 204 18.26 -13.28 6.00
N HIS B 205 18.43 -12.32 5.09
CA HIS B 205 18.46 -10.90 5.49
C HIS B 205 18.06 -10.07 4.29
N PRO B 206 16.74 -9.87 4.10
CA PRO B 206 16.16 -9.08 3.01
C PRO B 206 16.78 -7.70 2.88
N ALA B 207 16.95 -7.00 4.00
CA ALA B 207 17.55 -5.66 3.99
C ALA B 207 18.69 -5.62 2.97
N SER B 208 19.64 -6.55 3.09
CA SER B 208 20.76 -6.60 2.16
C SER B 208 20.54 -7.71 1.11
N SER B 209 19.31 -8.25 1.09
CA SER B 209 18.91 -9.33 0.19
C SER B 209 19.95 -10.42 0.12
N THR B 210 20.64 -10.62 1.24
CA THR B 210 21.68 -11.64 1.38
C THR B 210 21.05 -12.94 1.86
N LYS B 211 21.45 -14.05 1.25
CA LYS B 211 20.94 -15.37 1.62
C LYS B 211 22.09 -16.38 1.64
N VAL B 212 22.62 -16.64 2.82
CA VAL B 212 23.77 -17.53 2.99
C VAL B 212 23.52 -18.94 3.53
N ASP B 213 24.43 -19.83 3.19
CA ASP B 213 24.37 -21.19 3.66
C ASP B 213 25.71 -21.56 4.22
N LYS B 214 25.70 -21.86 5.51
CA LYS B 214 26.90 -22.24 6.21
C LYS B 214 26.66 -23.56 6.94
N LYS B 215 27.42 -24.58 6.52
CA LYS B 215 27.34 -25.93 7.09
C LYS B 215 28.44 -26.09 8.12
N ILE B 216 28.11 -26.73 9.23
CA ILE B 216 29.07 -26.95 10.30
C ILE B 216 29.95 -28.13 9.95
N VAL B 217 31.27 -27.92 10.00
CA VAL B 217 32.26 -28.97 9.69
C VAL B 217 33.19 -29.23 10.88
N PRO B 218 33.37 -30.50 11.27
CA PRO B 218 34.22 -30.93 12.40
C PRO B 218 35.54 -30.16 12.63
N ARG B 219 35.97 -30.13 13.88
CA ARG B 219 37.20 -29.51 14.35
C ARG B 219 37.39 -28.00 14.01
N ASP B 220 36.36 -27.18 14.24
CA ASP B 220 36.28 -25.71 14.07
C ASP B 220 36.24 -25.21 12.59
N ASP C 1 17.36 16.06 -25.86
CA ASP C 1 18.01 14.71 -25.84
C ASP C 1 17.58 13.96 -27.09
N ILE C 2 16.76 12.94 -26.92
CA ILE C 2 16.25 12.17 -28.05
C ILE C 2 14.73 12.28 -28.08
N GLN C 3 14.21 13.15 -28.96
CA GLN C 3 12.77 13.30 -29.06
C GLN C 3 12.12 12.24 -29.94
N MET C 4 11.06 11.64 -29.40
CA MET C 4 10.30 10.61 -30.10
C MET C 4 9.10 11.24 -30.81
N THR C 5 8.94 10.94 -32.09
CA THR C 5 7.85 11.54 -32.85
C THR C 5 6.95 10.53 -33.54
N GLN C 6 5.74 10.37 -33.01
CA GLN C 6 4.78 9.47 -33.63
C GLN C 6 3.87 10.44 -34.42
N THR C 7 4.50 11.47 -34.99
CA THR C 7 3.88 12.56 -35.77
C THR C 7 3.09 13.61 -34.93
N THR C 8 1.80 13.38 -34.64
CA THR C 8 0.98 14.32 -33.82
C THR C 8 -0.49 13.83 -33.82
N SER C 9 -0.65 12.58 -34.24
CA SER C 9 -1.92 11.92 -34.49
C SER C 9 -2.83 11.11 -33.54
N SER C 10 -3.87 10.61 -34.21
CA SER C 10 -4.92 9.73 -33.74
C SER C 10 -5.17 9.08 -35.09
N LEU C 11 -5.46 7.78 -35.11
CA LEU C 11 -5.70 7.08 -36.36
C LEU C 11 -7.07 6.41 -36.37
N SER C 12 -7.78 6.57 -37.49
CA SER C 12 -9.11 5.98 -37.63
C SER C 12 -8.99 4.78 -38.53
N ALA C 13 -9.70 3.72 -38.19
CA ALA C 13 -9.68 2.52 -38.99
C ALA C 13 -10.86 1.62 -38.69
N SER C 14 -11.51 1.14 -39.74
CA SER C 14 -12.63 0.23 -39.57
C SER C 14 -12.11 -1.00 -38.85
N LEU C 15 -12.91 -1.55 -37.95
CA LEU C 15 -12.48 -2.74 -37.24
C LEU C 15 -12.17 -3.74 -38.34
N GLY C 16 -11.26 -4.67 -38.08
CA GLY C 16 -10.95 -5.65 -39.11
C GLY C 16 -9.83 -5.23 -40.05
N ASP C 17 -9.30 -4.03 -39.85
CA ASP C 17 -8.24 -3.52 -40.69
C ASP C 17 -6.89 -4.03 -40.22
N ARG C 18 -5.86 -3.65 -40.95
CA ARG C 18 -4.47 -3.97 -40.65
C ARG C 18 -3.94 -2.58 -40.35
N VAL C 19 -3.45 -2.37 -39.13
CA VAL C 19 -2.94 -1.05 -38.70
C VAL C 19 -1.41 -0.92 -38.59
N THR C 20 -0.90 0.26 -38.90
CA THR C 20 0.53 0.54 -38.81
C THR C 20 0.71 1.92 -38.19
N ILE C 21 1.39 1.97 -37.03
CA ILE C 21 1.63 3.23 -36.32
C ILE C 21 3.09 3.63 -36.47
N SER C 22 3.32 4.93 -36.64
CA SER C 22 4.67 5.47 -36.83
C SER C 22 5.34 6.03 -35.60
N CYS C 23 6.66 5.93 -35.56
CA CYS C 23 7.46 6.44 -34.47
C CYS C 23 8.85 6.75 -35.01
N ARG C 24 9.33 7.97 -34.73
CA ARG C 24 10.63 8.40 -35.20
C ARG C 24 11.55 9.10 -34.21
N ALA C 25 12.85 8.93 -34.41
CA ALA C 25 13.88 9.50 -33.53
C ALA C 25 14.64 10.67 -34.12
N SER C 26 15.18 11.52 -33.25
CA SER C 26 15.97 12.67 -33.66
C SER C 26 17.41 12.23 -33.91
N GLN C 27 17.65 10.93 -33.81
CA GLN C 27 18.97 10.36 -34.04
C GLN C 27 18.93 8.88 -33.71
N ASP C 28 19.66 8.09 -34.48
CA ASP C 28 19.69 6.64 -34.33
C ASP C 28 19.49 6.15 -32.89
N ILE C 29 18.51 5.27 -32.69
CA ILE C 29 18.28 4.73 -31.36
C ILE C 29 18.77 3.28 -31.29
N ASN C 30 19.49 2.87 -32.34
CA ASN C 30 20.09 1.54 -32.44
C ASN C 30 19.20 0.36 -32.05
N ASN C 31 17.96 0.37 -32.54
CA ASN C 31 16.98 -0.71 -32.31
C ASN C 31 16.34 -0.87 -30.94
N TYR C 32 16.76 -0.09 -29.95
CA TYR C 32 16.11 -0.20 -28.65
C TYR C 32 14.85 0.68 -28.72
N LEU C 33 13.81 0.16 -29.34
CA LEU C 33 12.55 0.88 -29.47
C LEU C 33 11.41 0.01 -28.95
N ASN C 34 10.57 0.59 -28.10
CA ASN C 34 9.46 -0.16 -27.55
C ASN C 34 8.09 0.41 -27.83
N TRP C 35 7.09 -0.44 -27.66
CA TRP C 35 5.73 -0.02 -27.86
C TRP C 35 4.93 -0.40 -26.64
N TYR C 36 4.08 0.53 -26.20
CA TYR C 36 3.23 0.29 -25.07
C TYR C 36 1.83 0.64 -25.50
N GLN C 37 0.87 -0.17 -25.05
CA GLN C 37 -0.54 0.03 -25.36
C GLN C 37 -1.25 0.45 -24.09
N GLN C 38 -1.84 1.66 -24.10
CA GLN C 38 -2.58 2.17 -22.94
C GLN C 38 -4.06 2.07 -23.23
N LYS C 39 -4.72 1.12 -22.58
CA LYS C 39 -6.14 0.94 -22.77
C LYS C 39 -6.90 2.08 -22.12
N PRO C 40 -8.10 2.36 -22.61
CA PRO C 40 -8.95 3.44 -22.09
C PRO C 40 -9.59 3.03 -20.76
N ASP C 41 -8.74 2.54 -19.88
CA ASP C 41 -9.11 2.11 -18.54
C ASP C 41 -7.98 2.61 -17.60
N GLY C 42 -7.08 3.44 -18.16
CA GLY C 42 -5.96 4.01 -17.43
C GLY C 42 -4.77 3.06 -17.25
N THR C 43 -4.81 1.93 -17.94
CA THR C 43 -3.78 0.90 -17.81
C THR C 43 -2.78 0.80 -18.95
N VAL C 44 -1.61 0.28 -18.62
CA VAL C 44 -0.58 0.12 -19.62
C VAL C 44 0.09 -1.23 -19.50
N LYS C 45 0.33 -1.83 -20.65
CA LYS C 45 1.03 -3.09 -20.80
C LYS C 45 1.90 -2.88 -22.03
N ILE C 46 3.00 -3.61 -22.09
CA ILE C 46 3.93 -3.51 -23.19
C ILE C 46 3.52 -4.55 -24.21
N LEU C 47 3.86 -4.31 -25.47
CA LEU C 47 3.51 -5.23 -26.54
C LEU C 47 4.77 -5.73 -27.20
N ILE C 48 5.60 -4.78 -27.60
CA ILE C 48 6.83 -5.13 -28.25
C ILE C 48 8.01 -4.43 -27.64
N TYR C 49 9.17 -5.08 -27.69
CA TYR C 49 10.39 -4.50 -27.15
C TYR C 49 11.53 -4.70 -28.11
N TYR C 50 12.54 -3.84 -27.99
CA TYR C 50 13.73 -3.89 -28.83
C TYR C 50 13.38 -3.89 -30.31
N THR C 51 13.22 -2.69 -30.87
CA THR C 51 12.90 -2.47 -32.28
C THR C 51 11.74 -3.31 -32.76
N SER C 52 10.80 -3.54 -31.86
CA SER C 52 9.66 -4.34 -32.23
C SER C 52 10.13 -5.77 -32.42
N ASN C 53 9.23 -6.60 -32.98
CA ASN C 53 9.52 -7.99 -33.25
C ASN C 53 9.26 -8.85 -32.04
N LEU C 54 9.75 -8.38 -30.90
CA LEU C 54 9.65 -9.15 -29.67
C LEU C 54 8.49 -8.85 -28.74
N HIS C 55 7.84 -9.91 -28.27
CA HIS C 55 6.66 -9.84 -27.42
C HIS C 55 6.82 -10.46 -26.03
N SER C 56 5.75 -10.37 -25.24
CA SER C 56 5.75 -10.89 -23.87
C SER C 56 4.70 -11.99 -23.66
N GLY C 57 3.54 -11.80 -24.27
CA GLY C 57 2.44 -12.74 -24.16
C GLY C 57 1.26 -12.12 -24.86
N VAL C 58 1.59 -11.22 -25.78
CA VAL C 58 0.62 -10.49 -26.57
C VAL C 58 0.30 -11.28 -27.83
N PRO C 59 -0.92 -11.13 -28.37
CA PRO C 59 -1.43 -11.80 -29.57
C PRO C 59 -0.50 -11.70 -30.80
N SER C 60 -0.57 -12.71 -31.67
CA SER C 60 0.26 -12.75 -32.88
C SER C 60 -0.05 -11.68 -33.93
N ARG C 61 -1.21 -11.01 -33.81
CA ARG C 61 -1.57 -9.99 -34.78
C ARG C 61 -0.71 -8.76 -34.62
N PHE C 62 -0.02 -8.69 -33.48
CA PHE C 62 0.87 -7.57 -33.22
C PHE C 62 2.24 -7.86 -33.81
N SER C 63 2.99 -6.82 -34.13
CA SER C 63 4.31 -7.00 -34.69
C SER C 63 4.84 -5.63 -35.02
N GLY C 64 6.14 -5.55 -35.21
CA GLY C 64 6.73 -4.28 -35.53
C GLY C 64 8.12 -4.46 -36.11
N SER C 65 8.71 -3.37 -36.58
CA SER C 65 10.03 -3.45 -37.13
C SER C 65 10.58 -2.05 -37.35
N GLY C 66 11.90 -1.97 -37.48
CA GLY C 66 12.54 -0.69 -37.70
C GLY C 66 14.05 -0.81 -37.58
N SER C 67 14.73 0.28 -37.92
CA SER C 67 16.18 0.34 -37.85
C SER C 67 16.50 1.82 -37.70
N GLY C 68 17.77 2.14 -37.54
CA GLY C 68 18.17 3.52 -37.40
C GLY C 68 17.22 4.36 -36.59
N THR C 69 16.33 5.10 -37.28
CA THR C 69 15.37 5.96 -36.59
C THR C 69 13.91 5.77 -37.00
N ASP C 70 13.65 5.03 -38.07
CA ASP C 70 12.27 4.85 -38.50
C ASP C 70 11.72 3.49 -38.13
N TYR C 71 10.72 3.49 -37.27
CA TYR C 71 10.14 2.23 -36.85
C TYR C 71 8.64 2.14 -37.13
N SER C 72 8.02 1.00 -36.81
CA SER C 72 6.60 0.83 -37.07
C SER C 72 5.95 -0.36 -36.41
N LEU C 73 4.97 -0.09 -35.54
CA LEU C 73 4.22 -1.17 -34.89
C LEU C 73 3.13 -1.44 -35.91
N THR C 74 2.56 -2.64 -35.92
CA THR C 74 1.51 -2.93 -36.88
C THR C 74 0.64 -4.14 -36.55
N ILE C 75 -0.60 -3.83 -36.17
CA ILE C 75 -1.61 -4.83 -35.82
C ILE C 75 -2.20 -5.42 -37.10
N SER C 76 -1.76 -6.63 -37.44
CA SER C 76 -2.22 -7.32 -38.64
C SER C 76 -3.71 -7.15 -38.87
N ASN C 77 -4.52 -7.58 -37.90
CA ASN C 77 -5.97 -7.46 -38.00
C ASN C 77 -6.53 -6.85 -36.73
N LEU C 78 -7.07 -5.64 -36.83
CA LEU C 78 -7.63 -4.95 -35.68
C LEU C 78 -8.78 -5.73 -35.03
N GLU C 79 -8.94 -5.57 -33.73
CA GLU C 79 -10.03 -6.19 -32.99
C GLU C 79 -10.38 -5.16 -31.95
N GLN C 80 -11.64 -5.12 -31.52
CA GLN C 80 -12.11 -4.16 -30.54
C GLN C 80 -11.14 -3.92 -29.40
N GLU C 81 -10.71 -5.00 -28.75
CA GLU C 81 -9.78 -4.87 -27.65
C GLU C 81 -8.46 -4.25 -28.05
N ASP C 82 -8.32 -3.89 -29.32
CA ASP C 82 -7.08 -3.29 -29.84
C ASP C 82 -7.15 -1.78 -29.95
N ILE C 83 -8.33 -1.23 -29.70
CA ILE C 83 -8.53 0.22 -29.78
C ILE C 83 -8.04 0.87 -28.49
N ALA C 84 -6.98 1.64 -28.62
CA ALA C 84 -6.40 2.31 -27.48
C ALA C 84 -5.38 3.30 -28.03
N THR C 85 -4.49 3.76 -27.17
CA THR C 85 -3.48 4.68 -27.62
C THR C 85 -2.14 3.99 -27.50
N TYR C 86 -1.33 4.05 -28.55
CA TYR C 86 -0.04 3.39 -28.54
C TYR C 86 1.15 4.34 -28.41
N PHE C 87 2.11 3.94 -27.58
CA PHE C 87 3.30 4.73 -27.36
C PHE C 87 4.58 4.00 -27.68
N CYS C 88 5.58 4.74 -28.13
CA CYS C 88 6.84 4.13 -28.42
C CYS C 88 7.83 4.71 -27.44
N GLN C 89 8.99 4.07 -27.31
CA GLN C 89 9.98 4.53 -26.37
C GLN C 89 11.35 3.94 -26.66
N GLN C 90 12.36 4.81 -26.70
CA GLN C 90 13.73 4.40 -26.96
C GLN C 90 14.49 4.22 -25.64
N GLY C 91 15.22 3.12 -25.52
CA GLY C 91 15.98 2.89 -24.31
C GLY C 91 17.44 2.84 -24.71
N ASN C 92 17.88 3.82 -25.48
CA ASN C 92 19.25 3.85 -25.94
C ASN C 92 20.12 4.78 -25.11
N THR C 93 19.69 6.04 -24.99
CA THR C 93 20.42 7.02 -24.19
C THR C 93 19.58 7.18 -22.93
N LEU C 94 20.01 8.04 -22.01
CA LEU C 94 19.28 8.16 -20.77
C LEU C 94 18.05 9.01 -20.61
N PRO C 95 18.07 10.29 -20.87
CA PRO C 95 16.76 10.85 -20.65
C PRO C 95 15.90 9.99 -21.56
N ARG C 96 15.16 9.04 -20.97
CA ARG C 96 14.31 8.10 -21.70
C ARG C 96 13.07 8.84 -22.09
N THR C 97 12.89 8.97 -23.39
CA THR C 97 11.75 9.70 -23.90
C THR C 97 10.68 8.80 -24.48
N PHE C 98 9.45 9.29 -24.52
CA PHE C 98 8.37 8.53 -25.12
C PHE C 98 7.94 9.21 -26.43
N GLY C 99 7.03 8.59 -27.15
CA GLY C 99 6.53 9.18 -28.39
C GLY C 99 5.35 9.99 -27.91
N GLY C 100 4.76 10.82 -28.76
CA GLY C 100 3.62 11.63 -28.34
C GLY C 100 2.36 10.86 -28.02
N GLY C 101 2.19 9.73 -28.69
CA GLY C 101 1.03 8.90 -28.47
C GLY C 101 0.13 8.96 -29.68
N THR C 102 -0.42 7.82 -30.04
CA THR C 102 -1.32 7.74 -31.18
C THR C 102 -2.50 6.87 -30.75
N LYS C 103 -3.71 7.38 -30.94
CA LYS C 103 -4.90 6.66 -30.53
C LYS C 103 -5.66 6.06 -31.68
N LEU C 104 -5.99 4.77 -31.57
CA LEU C 104 -6.74 4.09 -32.62
C LEU C 104 -8.22 4.26 -32.38
N GLU C 105 -8.93 4.89 -33.30
CA GLU C 105 -10.37 5.01 -33.11
C GLU C 105 -11.09 4.27 -34.24
N ILE C 106 -12.17 3.59 -33.90
CA ILE C 106 -12.92 2.85 -34.89
C ILE C 106 -13.57 3.76 -35.91
N LYS C 107 -13.31 3.47 -37.19
CA LYS C 107 -13.87 4.26 -38.27
C LYS C 107 -15.36 3.98 -38.32
N ARG C 108 -16.14 5.05 -38.51
CA ARG C 108 -17.61 5.00 -38.58
C ARG C 108 -18.12 6.07 -39.55
N ALA C 109 -19.40 6.01 -39.89
CA ALA C 109 -19.99 7.01 -40.79
C ALA C 109 -20.32 8.30 -40.05
N ASP C 110 -20.24 9.41 -40.78
CA ASP C 110 -20.53 10.74 -40.25
C ASP C 110 -21.91 10.75 -39.56
N ALA C 111 -22.05 11.61 -38.56
CA ALA C 111 -23.29 11.74 -37.81
C ALA C 111 -23.33 13.14 -37.20
N ALA C 112 -24.33 13.94 -37.57
CA ALA C 112 -24.45 15.28 -37.03
C ALA C 112 -24.90 15.13 -35.60
N PRO C 113 -24.33 15.93 -34.71
CA PRO C 113 -24.67 15.89 -33.29
C PRO C 113 -26.13 16.18 -32.98
N THR C 114 -26.56 15.78 -31.79
CA THR C 114 -27.91 16.03 -31.32
C THR C 114 -27.78 17.26 -30.39
N VAL C 115 -28.24 18.39 -30.89
CA VAL C 115 -28.14 19.62 -30.15
C VAL C 115 -29.35 19.92 -29.28
N SER C 116 -29.18 19.82 -27.97
CA SER C 116 -30.27 20.10 -27.03
C SER C 116 -29.86 21.20 -26.07
N ILE C 117 -30.61 22.30 -26.06
CA ILE C 117 -30.32 23.41 -25.14
C ILE C 117 -31.24 23.35 -23.92
N PHE C 118 -30.74 23.79 -22.77
CA PHE C 118 -31.53 23.78 -21.54
C PHE C 118 -31.38 25.03 -20.67
N PRO C 119 -32.49 25.73 -20.42
CA PRO C 119 -32.53 26.96 -19.61
C PRO C 119 -32.15 26.67 -18.17
N PRO C 120 -31.49 27.61 -17.51
CA PRO C 120 -31.09 27.42 -16.11
C PRO C 120 -32.36 26.99 -15.40
N SER C 121 -32.25 26.24 -14.30
CA SER C 121 -33.44 25.80 -13.58
C SER C 121 -33.86 26.81 -12.51
N SER C 122 -35.05 26.63 -11.94
CA SER C 122 -35.50 27.54 -10.89
C SER C 122 -34.62 27.38 -9.65
N GLU C 123 -34.39 26.13 -9.27
CA GLU C 123 -33.56 25.84 -8.11
C GLU C 123 -32.26 26.64 -8.10
N GLN C 124 -31.44 26.49 -9.14
CA GLN C 124 -30.19 27.23 -9.19
C GLN C 124 -30.46 28.73 -9.36
N LEU C 125 -31.47 29.03 -10.17
CA LEU C 125 -31.85 30.40 -10.47
C LEU C 125 -32.15 31.22 -9.25
N THR C 126 -32.65 30.55 -8.22
CA THR C 126 -32.97 31.21 -6.97
C THR C 126 -31.78 31.05 -6.02
N SER C 127 -30.59 31.32 -6.55
CA SER C 127 -29.37 31.23 -5.76
C SER C 127 -28.18 31.89 -6.45
N GLY C 128 -28.43 33.01 -7.11
CA GLY C 128 -27.37 33.74 -7.78
C GLY C 128 -26.96 33.32 -9.19
N GLY C 129 -26.74 32.03 -9.40
CA GLY C 129 -26.32 31.55 -10.70
C GLY C 129 -27.38 31.16 -11.72
N ALA C 130 -27.00 31.23 -12.99
CA ALA C 130 -27.85 30.87 -14.11
C ALA C 130 -26.97 30.15 -15.13
N SER C 131 -27.21 28.86 -15.31
CA SER C 131 -26.42 28.06 -16.23
C SER C 131 -27.17 27.51 -17.44
N VAL C 132 -26.92 28.12 -18.61
CA VAL C 132 -27.54 27.68 -19.85
C VAL C 132 -26.68 26.52 -20.35
N VAL C 133 -27.23 25.31 -20.37
CA VAL C 133 -26.47 24.15 -20.79
C VAL C 133 -26.82 23.73 -22.22
N CYS C 134 -25.85 23.10 -22.88
CA CYS C 134 -26.06 22.62 -24.24
C CYS C 134 -25.44 21.25 -24.42
N PHE C 135 -26.19 20.37 -25.06
CA PHE C 135 -25.72 19.02 -25.33
C PHE C 135 -25.62 18.82 -26.83
N LEU C 136 -24.47 18.34 -27.27
CA LEU C 136 -24.24 18.06 -28.67
C LEU C 136 -23.89 16.57 -28.66
N ASN C 137 -24.94 15.74 -28.79
CA ASN C 137 -24.82 14.28 -28.71
C ASN C 137 -24.68 13.42 -29.99
N ASN C 138 -24.07 12.24 -29.79
CA ASN C 138 -23.83 11.22 -30.83
C ASN C 138 -23.46 11.73 -32.21
N PHE C 139 -22.24 12.22 -32.33
CA PHE C 139 -21.76 12.72 -33.60
C PHE C 139 -20.44 12.06 -34.03
N TYR C 140 -19.91 12.51 -35.18
CA TYR C 140 -18.69 11.96 -35.77
C TYR C 140 -18.53 12.75 -37.08
N PRO C 141 -17.33 13.15 -37.41
CA PRO C 141 -16.03 13.01 -36.74
C PRO C 141 -16.12 13.50 -35.30
N LYS C 142 -15.03 13.37 -34.56
CA LYS C 142 -15.01 13.82 -33.18
C LYS C 142 -14.70 15.31 -33.04
N ASP C 143 -14.65 16.05 -34.15
CA ASP C 143 -14.35 17.47 -34.04
C ASP C 143 -15.55 18.33 -34.27
N ILE C 144 -16.01 18.99 -33.21
CA ILE C 144 -17.18 19.84 -33.31
C ILE C 144 -16.94 21.19 -32.68
N ASN C 145 -17.37 22.23 -33.39
CA ASN C 145 -17.25 23.61 -32.94
C ASN C 145 -18.58 24.02 -32.28
N VAL C 146 -18.48 24.73 -31.16
CA VAL C 146 -19.67 25.17 -30.43
C VAL C 146 -19.60 26.66 -30.15
N LYS C 147 -20.72 27.33 -30.29
CA LYS C 147 -20.78 28.76 -30.06
C LYS C 147 -22.10 29.15 -29.42
N TRP C 148 -22.02 30.04 -28.43
CA TRP C 148 -23.23 30.55 -27.77
C TRP C 148 -23.46 31.97 -28.26
N LYS C 149 -24.59 32.55 -27.90
CA LYS C 149 -24.91 33.91 -28.31
C LYS C 149 -26.07 34.39 -27.43
N ILE C 150 -25.88 35.50 -26.75
CA ILE C 150 -26.94 36.03 -25.90
C ILE C 150 -27.61 37.10 -26.73
N ASP C 151 -28.92 36.98 -26.89
CA ASP C 151 -29.69 37.91 -27.71
C ASP C 151 -29.01 38.07 -29.07
N GLY C 152 -28.69 36.93 -29.69
CA GLY C 152 -28.06 36.94 -31.00
C GLY C 152 -26.79 37.75 -31.14
N SER C 153 -25.76 37.42 -30.37
CA SER C 153 -24.51 38.17 -30.45
C SER C 153 -23.24 37.36 -30.24
N ALA C 154 -22.64 37.56 -29.07
CA ALA C 154 -21.38 36.91 -28.76
C ALA C 154 -21.52 35.69 -27.89
N ARG C 155 -20.35 35.18 -27.52
CA ARG C 155 -20.20 34.02 -26.68
C ARG C 155 -19.03 34.45 -25.82
N GLN C 156 -17.87 33.92 -26.18
CA GLN C 156 -16.62 34.23 -25.50
C GLN C 156 -16.57 33.86 -24.03
N ASN C 157 -16.95 34.81 -23.20
CA ASN C 157 -16.91 34.68 -21.75
C ASN C 157 -17.98 33.84 -21.02
N GLY C 158 -17.51 32.98 -20.11
CA GLY C 158 -18.40 32.14 -19.31
C GLY C 158 -18.64 30.72 -19.81
N VAL C 159 -18.21 30.45 -21.04
CA VAL C 159 -18.40 29.14 -21.67
C VAL C 159 -17.49 28.02 -21.20
N LEU C 160 -18.05 26.84 -21.04
CA LEU C 160 -17.28 25.66 -20.62
C LEU C 160 -17.65 24.40 -21.42
N ASN C 161 -16.64 23.66 -21.89
CA ASN C 161 -16.87 22.45 -22.67
C ASN C 161 -16.46 21.15 -21.97
N SER C 162 -16.65 20.06 -22.69
CA SER C 162 -16.33 18.73 -22.21
C SER C 162 -16.67 17.71 -23.32
N TRP C 163 -15.82 16.70 -23.50
CA TRP C 163 -16.06 15.71 -24.55
C TRP C 163 -16.11 14.32 -23.96
N THR C 164 -16.82 13.40 -24.62
CA THR C 164 -16.85 12.01 -24.17
C THR C 164 -15.83 11.25 -25.00
N ASP C 165 -15.50 10.03 -24.59
CA ASP C 165 -14.56 9.23 -25.38
C ASP C 165 -15.49 8.42 -26.30
N GLN C 166 -15.03 8.07 -27.51
CA GLN C 166 -15.86 7.34 -28.46
C GLN C 166 -16.74 6.33 -27.79
N ASP C 167 -18.06 6.46 -27.99
CA ASP C 167 -19.03 5.55 -27.43
C ASP C 167 -18.70 4.18 -27.97
N SER C 168 -18.50 3.19 -27.10
CA SER C 168 -18.17 1.87 -27.65
C SER C 168 -19.44 1.14 -28.15
N LYS C 169 -20.61 1.71 -27.87
CA LYS C 169 -21.86 1.13 -28.37
C LYS C 169 -21.75 1.44 -29.85
N ASP C 170 -22.21 2.61 -30.27
CA ASP C 170 -22.08 3.01 -31.66
C ASP C 170 -20.63 3.51 -31.65
N SER C 171 -20.26 4.48 -32.47
CA SER C 171 -18.88 4.95 -32.41
C SER C 171 -18.84 6.47 -32.36
N THR C 172 -19.86 7.04 -31.73
CA THR C 172 -19.98 8.48 -31.61
C THR C 172 -19.30 9.05 -30.39
N TYR C 173 -19.03 10.34 -30.50
CA TYR C 173 -18.44 11.11 -29.44
C TYR C 173 -19.62 11.98 -29.03
N SER C 174 -19.44 12.83 -28.02
CA SER C 174 -20.53 13.70 -27.58
C SER C 174 -19.95 14.84 -26.74
N MET C 175 -20.58 16.01 -26.82
CA MET C 175 -20.08 17.15 -26.09
C MET C 175 -21.14 18.07 -25.48
N SER C 176 -20.82 18.61 -24.30
CA SER C 176 -21.70 19.53 -23.59
C SER C 176 -20.93 20.80 -23.27
N SER C 177 -21.52 21.94 -23.58
CA SER C 177 -20.89 23.22 -23.30
C SER C 177 -21.80 24.08 -22.42
N THR C 178 -21.50 24.16 -21.14
CA THR C 178 -22.31 24.95 -20.23
C THR C 178 -21.98 26.45 -20.34
N LEU C 179 -23.00 27.29 -20.35
CA LEU C 179 -22.82 28.75 -20.42
C LEU C 179 -23.18 29.27 -19.04
N THR C 180 -22.37 30.15 -18.45
CA THR C 180 -22.72 30.59 -17.11
C THR C 180 -22.75 32.09 -16.83
N LEU C 181 -23.90 32.57 -16.35
CA LEU C 181 -24.10 33.98 -16.05
C LEU C 181 -24.73 34.12 -14.67
N THR C 182 -24.69 35.33 -14.16
CA THR C 182 -25.28 35.62 -12.86
C THR C 182 -26.76 35.81 -13.16
N LYS C 183 -27.65 35.26 -12.31
CA LYS C 183 -29.09 35.44 -12.53
C LYS C 183 -29.40 36.89 -12.94
N ASP C 184 -28.83 37.84 -12.21
CA ASP C 184 -29.01 39.25 -12.47
C ASP C 184 -28.76 39.55 -13.96
N GLU C 185 -27.79 38.84 -14.55
CA GLU C 185 -27.44 38.99 -15.97
C GLU C 185 -28.39 38.20 -16.86
N TYR C 186 -28.72 36.98 -16.42
CA TYR C 186 -29.61 36.11 -17.17
C TYR C 186 -30.98 36.74 -17.44
N GLU C 187 -31.53 37.44 -16.46
CA GLU C 187 -32.83 38.03 -16.65
C GLU C 187 -32.80 39.29 -17.50
N ARG C 188 -31.60 39.70 -17.89
CA ARG C 188 -31.44 40.91 -18.69
C ARG C 188 -31.42 40.71 -20.21
N HIS C 189 -31.75 39.49 -20.67
CA HIS C 189 -31.76 39.20 -22.09
C HIS C 189 -32.91 38.24 -22.31
N ASN C 190 -33.56 38.30 -23.48
CA ASN C 190 -34.72 37.47 -23.74
C ASN C 190 -34.54 36.24 -24.64
N SER C 191 -33.30 35.92 -25.01
CA SER C 191 -33.07 34.75 -25.88
C SER C 191 -31.64 34.23 -25.88
N TYR C 192 -31.49 32.92 -25.73
CA TYR C 192 -30.16 32.32 -25.73
C TYR C 192 -30.14 31.16 -26.72
N THR C 193 -29.11 31.14 -27.55
CA THR C 193 -29.01 30.09 -28.56
C THR C 193 -27.73 29.28 -28.46
N CYS C 194 -27.83 28.02 -28.87
CA CYS C 194 -26.69 27.14 -28.86
C CYS C 194 -26.40 26.80 -30.31
N GLU C 195 -25.31 27.35 -30.84
CA GLU C 195 -24.92 27.12 -32.23
C GLU C 195 -23.75 26.14 -32.29
N ALA C 196 -24.02 24.95 -32.82
CA ALA C 196 -22.99 23.92 -32.94
C ALA C 196 -22.59 23.75 -34.39
N THR C 197 -21.37 24.19 -34.72
CA THR C 197 -20.85 24.10 -36.08
C THR C 197 -19.98 22.85 -36.22
N HIS C 198 -20.49 21.90 -37.00
CA HIS C 198 -19.83 20.62 -37.24
C HIS C 198 -19.61 20.48 -38.74
N LYS C 199 -18.64 19.65 -39.11
CA LYS C 199 -18.35 19.43 -40.52
C LYS C 199 -19.19 18.24 -41.00
N THR C 200 -20.50 18.38 -40.81
CA THR C 200 -21.46 17.35 -41.20
C THR C 200 -22.45 18.14 -42.03
N SER C 201 -22.47 19.44 -41.73
CA SER C 201 -23.31 20.40 -42.43
C SER C 201 -22.41 21.62 -42.49
N THR C 202 -22.82 22.63 -43.23
CA THR C 202 -22.02 23.84 -43.35
C THR C 202 -22.82 25.01 -42.82
N SER C 203 -24.00 24.68 -42.28
CA SER C 203 -24.90 25.65 -41.69
C SER C 203 -25.12 25.17 -40.27
N PRO C 204 -24.70 25.96 -39.27
CA PRO C 204 -24.84 25.60 -37.86
C PRO C 204 -26.16 24.94 -37.48
N ILE C 205 -26.06 23.90 -36.66
CA ILE C 205 -27.24 23.20 -36.14
C ILE C 205 -27.49 24.00 -34.88
N VAL C 206 -28.48 24.88 -34.94
CA VAL C 206 -28.78 25.74 -33.81
C VAL C 206 -30.07 25.43 -33.06
N LYS C 207 -29.97 25.50 -31.75
CA LYS C 207 -31.12 25.30 -30.88
C LYS C 207 -31.02 26.48 -29.95
N SER C 208 -32.11 27.25 -29.85
CA SER C 208 -32.15 28.41 -28.97
C SER C 208 -33.44 28.43 -28.21
N PHE C 209 -33.65 29.53 -27.47
CA PHE C 209 -34.87 29.66 -26.71
C PHE C 209 -35.02 31.03 -26.06
N ASN C 210 -36.26 31.37 -25.74
CA ASN C 210 -36.54 32.64 -25.10
C ASN C 210 -36.89 32.38 -23.65
N ARG C 211 -36.30 33.18 -22.77
CA ARG C 211 -36.50 33.03 -21.33
C ARG C 211 -37.95 33.25 -20.93
N ASN C 212 -38.57 34.27 -21.51
CA ASN C 212 -39.96 34.51 -21.20
C ASN C 212 -40.88 34.22 -22.39
N GLU C 213 -41.04 32.93 -22.61
CA GLU C 213 -41.89 32.36 -23.63
C GLU C 213 -42.05 30.94 -23.07
N CYS C 214 -42.29 30.89 -21.75
CA CYS C 214 -42.43 29.63 -21.02
C CYS C 214 -43.62 29.61 -20.04
N GLN D 1 2.96 -14.86 -9.79
CA GLN D 1 3.15 -13.89 -10.92
C GLN D 1 3.87 -12.59 -10.49
N ALA D 2 4.43 -11.87 -11.47
CA ALA D 2 5.16 -10.60 -11.23
C ALA D 2 4.21 -9.39 -11.29
N GLN D 3 4.04 -8.72 -10.15
CA GLN D 3 3.13 -7.58 -10.07
C GLN D 3 3.60 -6.33 -9.32
N LEU D 4 2.90 -5.24 -9.57
CA LEU D 4 3.19 -3.96 -8.98
C LEU D 4 1.87 -3.40 -8.45
N GLN D 5 1.88 -2.92 -7.21
CA GLN D 5 0.69 -2.36 -6.59
C GLN D 5 0.98 -0.91 -6.23
N GLN D 6 0.09 0.00 -6.62
CA GLN D 6 0.29 1.41 -6.33
C GLN D 6 -0.71 2.02 -5.37
N SER D 7 -0.58 3.34 -5.22
CA SER D 7 -1.39 4.21 -4.37
C SER D 7 -0.44 4.99 -3.45
N GLY D 8 -0.73 6.29 -3.28
CA GLY D 8 0.05 7.16 -2.42
C GLY D 8 -0.90 8.12 -1.72
N ALA D 9 -0.91 9.37 -2.15
CA ALA D 9 -1.81 10.37 -1.58
C ALA D 9 -2.55 11.05 -2.74
N GLU D 10 -3.77 10.62 -2.95
CA GLU D 10 -4.62 11.15 -4.01
C GLU D 10 -4.74 12.68 -3.98
N LEU D 11 -5.32 13.20 -2.90
CA LEU D 11 -5.57 14.63 -2.72
C LEU D 11 -4.43 15.37 -2.04
N MET D 12 -4.18 16.61 -2.46
CA MET D 12 -3.12 17.39 -1.84
C MET D 12 -3.14 18.89 -2.11
N LYS D 13 -2.84 19.64 -1.05
CA LYS D 13 -2.80 21.11 -1.04
C LYS D 13 -1.53 21.59 -1.71
N PRO D 14 -1.66 22.56 -2.63
CA PRO D 14 -0.47 23.08 -3.33
C PRO D 14 0.65 23.53 -2.38
N GLY D 15 1.85 23.66 -2.91
CA GLY D 15 2.99 24.05 -2.08
C GLY D 15 3.53 22.89 -1.27
N ALA D 16 2.66 21.96 -0.89
CA ALA D 16 3.03 20.79 -0.09
C ALA D 16 3.88 19.74 -0.82
N SER D 17 3.82 18.50 -0.32
CA SER D 17 4.60 17.39 -0.91
C SER D 17 3.89 16.04 -0.79
N VAL D 18 4.20 15.11 -1.69
CA VAL D 18 3.58 13.78 -1.67
C VAL D 18 4.55 12.61 -1.82
N LYS D 19 4.08 11.42 -1.45
CA LYS D 19 4.85 10.18 -1.51
C LYS D 19 3.98 9.04 -2.04
N ILE D 20 4.16 8.65 -3.30
CA ILE D 20 3.38 7.55 -3.87
C ILE D 20 4.19 6.27 -3.77
N SER D 21 3.57 5.19 -3.28
CA SER D 21 4.28 3.92 -3.13
C SER D 21 4.06 2.95 -4.29
N CYS D 22 4.99 2.02 -4.44
CA CYS D 22 4.95 1.00 -5.50
C CYS D 22 5.41 -0.30 -4.85
N LYS D 23 4.43 -1.10 -4.41
CA LYS D 23 4.72 -2.38 -3.76
C LYS D 23 4.85 -3.49 -4.81
N ALA D 24 6.02 -4.12 -4.87
CA ALA D 24 6.25 -5.17 -5.85
C ALA D 24 6.14 -6.56 -5.24
N THR D 25 5.75 -7.53 -6.07
CA THR D 25 5.59 -8.92 -5.64
C THR D 25 5.63 -9.89 -6.84
N GLY D 26 6.35 -11.01 -6.66
CA GLY D 26 6.44 -12.01 -7.71
C GLY D 26 7.80 -12.18 -8.36
N TYR D 27 8.70 -11.24 -8.11
CA TYR D 27 10.04 -11.26 -8.68
C TYR D 27 11.06 -10.85 -7.61
N THR D 28 12.34 -10.74 -7.97
CA THR D 28 13.33 -10.37 -6.96
C THR D 28 13.54 -8.87 -6.95
N PHE D 29 12.57 -8.19 -6.34
CA PHE D 29 12.55 -6.74 -6.23
C PHE D 29 13.87 -5.96 -6.48
N SER D 30 14.90 -6.25 -5.70
CA SER D 30 16.17 -5.52 -5.82
C SER D 30 16.98 -5.81 -7.08
N ASN D 31 16.57 -6.83 -7.84
CA ASN D 31 17.29 -7.18 -9.05
C ASN D 31 16.94 -6.30 -10.26
N TYR D 32 15.79 -5.64 -10.20
CA TYR D 32 15.34 -4.80 -11.31
C TYR D 32 15.11 -3.37 -10.92
N TRP D 33 15.11 -2.52 -11.95
CA TRP D 33 14.90 -1.09 -11.80
C TRP D 33 13.42 -0.77 -11.78
N ILE D 34 13.08 0.39 -11.24
CA ILE D 34 11.69 0.85 -11.19
C ILE D 34 11.65 2.17 -11.92
N ASP D 35 10.80 2.24 -12.94
CA ASP D 35 10.69 3.48 -13.66
C ASP D 35 9.42 4.18 -13.18
N TRP D 36 9.46 5.50 -13.17
CA TRP D 36 8.31 6.29 -12.73
C TRP D 36 7.94 7.22 -13.88
N ILE D 37 6.65 7.29 -14.19
CA ILE D 37 6.19 8.13 -15.29
C ILE D 37 5.13 9.15 -14.88
N LYS D 38 5.05 10.24 -15.63
CA LYS D 38 4.06 11.28 -15.39
C LYS D 38 3.22 11.35 -16.66
N GLN D 39 1.90 11.35 -16.50
CA GLN D 39 1.01 11.45 -17.65
C GLN D 39 -0.09 12.45 -17.40
N ARG D 40 0.00 13.59 -18.07
CA ARG D 40 -0.99 14.63 -17.96
C ARG D 40 -1.90 14.45 -19.17
N PRO D 41 -3.19 14.78 -19.01
CA PRO D 41 -4.15 14.64 -20.11
C PRO D 41 -3.74 15.25 -21.47
N GLY D 42 -2.85 16.24 -21.44
CA GLY D 42 -2.42 16.88 -22.68
C GLY D 42 -0.95 17.20 -22.80
N HIS D 43 -0.10 16.22 -22.51
CA HIS D 43 1.33 16.40 -22.62
C HIS D 43 1.97 15.03 -22.92
N GLY D 44 1.14 13.99 -22.95
CA GLY D 44 1.62 12.66 -23.25
C GLY D 44 2.12 11.84 -22.07
N LEU D 45 3.15 11.04 -22.32
CA LEU D 45 3.74 10.20 -21.29
C LEU D 45 5.15 10.74 -21.08
N GLU D 46 5.49 11.07 -19.85
CA GLU D 46 6.79 11.66 -19.54
C GLU D 46 7.63 10.82 -18.58
N TRP D 47 8.95 10.82 -18.78
CA TRP D 47 9.85 10.05 -17.91
C TRP D 47 10.40 10.81 -16.71
N ILE D 48 10.03 10.36 -15.51
CA ILE D 48 10.50 10.98 -14.28
C ILE D 48 11.87 10.45 -13.87
N GLY D 49 12.09 9.13 -13.98
CA GLY D 49 13.38 8.57 -13.61
C GLY D 49 13.34 7.13 -13.12
N GLU D 50 14.50 6.60 -12.73
CA GLU D 50 14.57 5.22 -12.25
C GLU D 50 15.48 5.00 -11.05
N ILE D 51 15.12 4.00 -10.25
CA ILE D 51 15.89 3.64 -9.06
C ILE D 51 16.13 2.14 -9.00
N LEU D 52 17.35 1.75 -8.65
CA LEU D 52 17.69 0.33 -8.51
C LEU D 52 17.52 -0.08 -7.05
N PRO D 53 16.41 -0.78 -6.73
CA PRO D 53 16.06 -1.26 -5.40
C PRO D 53 17.24 -1.76 -4.54
N GLY D 54 18.04 -2.66 -5.09
CA GLY D 54 19.14 -3.27 -4.37
C GLY D 54 20.28 -2.44 -3.78
N SER D 55 20.59 -1.30 -4.40
CA SER D 55 21.67 -0.43 -3.94
C SER D 55 21.14 0.86 -3.34
N GLY D 56 20.93 1.82 -4.23
CA GLY D 56 20.41 3.13 -3.91
C GLY D 56 20.57 3.96 -5.17
N SER D 57 21.07 3.33 -6.23
CA SER D 57 21.27 4.05 -7.49
C SER D 57 20.02 4.53 -8.17
N THR D 58 20.16 5.72 -8.75
CA THR D 58 19.06 6.38 -9.43
C THR D 58 19.55 7.23 -10.61
N ASN D 59 18.64 7.45 -11.55
CA ASN D 59 18.91 8.28 -12.71
C ASN D 59 17.64 9.12 -12.85
N TYR D 60 17.74 10.39 -12.49
CA TYR D 60 16.60 11.28 -12.56
C TYR D 60 16.57 11.96 -13.90
N ASN D 61 15.43 12.58 -14.18
CA ASN D 61 15.22 13.34 -15.41
C ASN D 61 15.77 14.73 -15.08
N GLU D 62 16.85 15.13 -15.77
CA GLU D 62 17.47 16.41 -15.49
C GLU D 62 16.44 17.51 -15.62
N LYS D 63 15.18 17.12 -15.56
CA LYS D 63 14.05 18.02 -15.65
C LYS D 63 13.11 17.81 -14.45
N PHE D 64 13.37 16.74 -13.70
CA PHE D 64 12.54 16.42 -12.56
C PHE D 64 13.29 16.52 -11.25
N ARG D 65 14.59 16.75 -11.32
CA ARG D 65 15.40 16.85 -10.11
C ARG D 65 14.90 18.03 -9.28
N GLY D 66 14.71 17.79 -7.99
CA GLY D 66 14.23 18.85 -7.12
C GLY D 66 12.74 18.71 -6.94
N LYS D 67 12.09 18.03 -7.87
CA LYS D 67 10.65 17.84 -7.77
C LYS D 67 10.33 16.42 -7.35
N ALA D 68 11.10 15.47 -7.87
CA ALA D 68 10.87 14.07 -7.53
C ALA D 68 12.01 13.60 -6.66
N THR D 69 11.86 12.39 -6.12
CA THR D 69 12.88 11.81 -5.26
C THR D 69 12.41 10.41 -4.93
N PHE D 70 13.06 9.45 -5.56
CA PHE D 70 12.71 8.07 -5.35
C PHE D 70 13.47 7.54 -4.16
N THR D 71 12.94 6.46 -3.59
CA THR D 71 13.54 5.74 -2.48
C THR D 71 12.82 4.41 -2.39
N ALA D 72 13.57 3.35 -2.14
CA ALA D 72 12.94 2.05 -2.02
C ALA D 72 13.29 1.54 -0.65
N ASP D 73 13.25 0.24 -0.48
CA ASP D 73 13.59 -0.39 0.77
C ASP D 73 13.41 -1.87 0.56
N THR D 74 14.53 -2.56 0.39
CA THR D 74 14.53 -3.99 0.12
C THR D 74 13.75 -4.85 1.11
N SER D 75 13.32 -4.25 2.21
CA SER D 75 12.57 -4.96 3.25
C SER D 75 11.14 -5.32 2.90
N SER D 76 10.44 -4.37 2.27
CA SER D 76 9.04 -4.56 1.89
C SER D 76 8.79 -4.61 0.38
N ASN D 77 9.87 -4.55 -0.40
CA ASN D 77 9.76 -4.59 -1.85
C ASN D 77 8.83 -3.47 -2.28
N THR D 78 9.18 -2.24 -1.84
CA THR D 78 8.37 -1.08 -2.14
C THR D 78 9.20 0.14 -2.46
N ALA D 79 9.00 0.70 -3.66
CA ALA D 79 9.75 1.88 -4.05
C ALA D 79 8.86 3.08 -3.77
N TYR D 80 9.45 4.24 -3.53
CA TYR D 80 8.70 5.44 -3.23
C TYR D 80 9.12 6.57 -4.15
N MET D 81 8.24 7.55 -4.32
CA MET D 81 8.51 8.73 -5.14
C MET D 81 7.94 9.96 -4.44
N GLN D 82 8.83 10.84 -3.95
CA GLN D 82 8.38 12.06 -3.29
C GLN D 82 8.40 13.22 -4.26
N LEU D 83 7.31 13.97 -4.26
CA LEU D 83 7.24 15.16 -5.10
C LEU D 83 7.14 16.30 -4.10
N SER D 84 7.87 17.38 -4.37
CA SER D 84 7.90 18.51 -3.45
C SER D 84 7.23 19.77 -4.00
N SER D 85 7.03 20.75 -3.12
CA SER D 85 6.41 22.00 -3.52
C SER D 85 5.39 21.68 -4.61
N LEU D 86 4.27 21.08 -4.20
CA LEU D 86 3.23 20.71 -5.13
C LEU D 86 2.51 21.89 -5.78
N THR D 87 2.28 21.75 -7.08
CA THR D 87 1.60 22.77 -7.85
C THR D 87 0.74 22.07 -8.90
N SER D 88 0.13 22.84 -9.80
CA SER D 88 -0.76 22.26 -10.82
C SER D 88 -0.12 21.30 -11.81
N GLU D 89 1.07 21.64 -12.31
CA GLU D 89 1.77 20.82 -13.29
C GLU D 89 2.04 19.43 -12.76
N ASP D 90 1.70 19.24 -11.50
CA ASP D 90 1.91 17.96 -10.85
C ASP D 90 0.68 17.09 -11.01
N SER D 91 -0.51 17.69 -10.94
CA SER D 91 -1.74 16.93 -11.08
C SER D 91 -1.63 16.13 -12.35
N ALA D 92 -1.66 14.81 -12.20
CA ALA D 92 -1.56 13.90 -13.33
C ALA D 92 -1.54 12.50 -12.76
N VAL D 93 -1.47 11.50 -13.63
CA VAL D 93 -1.45 10.13 -13.16
C VAL D 93 -0.02 9.72 -13.14
N TYR D 94 0.41 9.10 -12.05
CA TYR D 94 1.80 8.65 -11.96
C TYR D 94 1.94 7.15 -11.99
N TYR D 95 2.85 6.68 -12.83
CA TYR D 95 3.11 5.25 -13.01
C TYR D 95 4.50 4.75 -12.63
N CYS D 96 4.54 3.60 -11.96
CA CYS D 96 5.82 2.98 -11.62
C CYS D 96 5.85 1.70 -12.45
N THR D 97 7.00 1.43 -13.06
CA THR D 97 7.17 0.28 -13.92
C THR D 97 8.47 -0.41 -13.62
N ARG D 98 8.58 -1.67 -14.03
CA ARG D 98 9.79 -2.42 -13.83
C ARG D 98 10.57 -2.36 -15.15
N ARG D 99 11.90 -2.20 -15.07
CA ARG D 99 12.73 -2.15 -16.27
C ARG D 99 13.36 -3.52 -16.49
N GLY D 100 12.80 -4.26 -17.43
CA GLY D 100 13.32 -5.58 -17.76
C GLY D 100 14.80 -5.49 -18.11
N TYR D 101 15.52 -6.60 -18.05
CA TYR D 101 16.93 -6.52 -18.34
C TYR D 101 17.24 -6.60 -19.82
N TRP D 102 18.33 -5.93 -20.18
CA TRP D 102 18.90 -5.87 -21.53
C TRP D 102 18.16 -4.95 -22.52
N ALA D 103 16.89 -5.19 -22.82
CA ALA D 103 16.17 -4.25 -23.69
C ALA D 103 15.55 -3.32 -22.66
N TYR D 104 16.01 -2.09 -22.58
CA TYR D 104 15.51 -1.15 -21.58
C TYR D 104 14.00 -0.96 -21.64
N ASP D 105 13.29 -2.09 -21.54
CA ASP D 105 11.84 -2.16 -21.59
C ASP D 105 11.16 -2.00 -20.25
N PHE D 106 9.92 -1.54 -20.29
CA PHE D 106 9.10 -1.37 -19.11
C PHE D 106 8.14 -2.52 -19.22
N ASP D 107 8.58 -3.67 -18.72
CA ASP D 107 7.77 -4.88 -18.77
C ASP D 107 6.53 -4.93 -17.89
N TYR D 108 6.58 -4.33 -16.71
CA TYR D 108 5.41 -4.37 -15.85
C TYR D 108 5.03 -3.01 -15.30
N TRP D 109 3.73 -2.69 -15.37
CA TRP D 109 3.21 -1.40 -14.93
C TRP D 109 2.26 -1.42 -13.71
N GLY D 110 2.30 -0.34 -12.94
CA GLY D 110 1.42 -0.23 -11.80
C GLY D 110 0.08 0.25 -12.32
N GLN D 111 -1.00 -0.13 -11.66
CA GLN D 111 -2.34 0.27 -12.11
C GLN D 111 -2.49 1.77 -12.27
N GLY D 112 -1.49 2.53 -11.82
CA GLY D 112 -1.53 3.99 -11.93
C GLY D 112 -1.98 4.68 -10.66
N THR D 113 -1.64 5.96 -10.51
CA THR D 113 -2.05 6.69 -9.32
C THR D 113 -2.29 8.15 -9.67
N THR D 114 -3.49 8.63 -9.33
CA THR D 114 -3.88 10.01 -9.61
C THR D 114 -3.66 10.92 -8.42
N LEU D 115 -2.87 11.97 -8.64
CA LEU D 115 -2.56 12.93 -7.60
C LEU D 115 -3.19 14.26 -7.96
N THR D 116 -4.08 14.73 -7.10
CA THR D 116 -4.76 15.99 -7.35
C THR D 116 -4.23 17.07 -6.41
N VAL D 117 -3.98 18.25 -6.98
CA VAL D 117 -3.48 19.41 -6.22
C VAL D 117 -4.46 20.59 -6.23
N SER D 118 -5.24 20.71 -5.16
CA SER D 118 -6.23 21.78 -5.02
C SER D 118 -6.35 22.29 -3.58
N SER D 119 -6.76 23.55 -3.45
CA SER D 119 -6.93 24.17 -2.13
C SER D 119 -8.30 23.85 -1.52
N ALA D 120 -9.14 23.17 -2.30
CA ALA D 120 -10.50 22.84 -1.86
C ALA D 120 -10.68 21.91 -0.65
N LYS D 121 -11.73 22.17 0.12
CA LYS D 121 -12.07 21.35 1.27
C LYS D 121 -13.29 20.62 0.75
N THR D 122 -13.48 19.39 1.20
CA THR D 122 -14.62 18.60 0.75
C THR D 122 -15.87 19.48 0.55
N THR D 123 -16.62 19.21 -0.51
CA THR D 123 -17.83 19.99 -0.77
C THR D 123 -18.88 19.30 -1.62
N PRO D 124 -19.99 18.86 -0.99
CA PRO D 124 -21.06 18.20 -1.75
C PRO D 124 -21.45 19.17 -2.85
N PRO D 125 -22.10 18.67 -3.91
CA PRO D 125 -22.49 19.58 -5.00
C PRO D 125 -23.94 20.05 -4.97
N SER D 126 -24.25 20.96 -5.86
CA SER D 126 -25.61 21.47 -6.01
C SER D 126 -26.12 20.77 -7.26
N VAL D 127 -27.25 20.07 -7.12
CA VAL D 127 -27.84 19.31 -8.23
C VAL D 127 -29.14 19.92 -8.77
N TYR D 128 -29.04 20.48 -9.97
CA TYR D 128 -30.16 21.10 -10.63
C TYR D 128 -30.65 20.23 -11.77
N PRO D 129 -31.96 20.23 -12.04
CA PRO D 129 -32.53 19.44 -13.12
C PRO D 129 -32.50 20.18 -14.46
N LEU D 130 -32.39 19.42 -15.55
CA LEU D 130 -32.34 20.01 -16.88
C LEU D 130 -33.45 19.51 -17.77
N ALA D 131 -34.51 20.30 -17.89
CA ALA D 131 -35.64 19.91 -18.71
C ALA D 131 -35.77 20.83 -19.93
N PRO D 132 -36.36 20.33 -21.02
CA PRO D 132 -36.55 21.08 -22.26
C PRO D 132 -37.08 22.46 -21.98
N GLY D 133 -36.57 23.46 -22.70
CA GLY D 133 -37.05 24.81 -22.48
C GLY D 133 -38.23 25.23 -23.32
N SER D 134 -38.23 26.52 -23.65
CA SER D 134 -39.21 27.24 -24.45
C SER D 134 -40.18 26.49 -25.38
N ALA D 135 -39.63 25.92 -26.45
CA ALA D 135 -40.42 25.16 -27.41
C ALA D 135 -40.29 23.69 -27.03
N ALA D 136 -41.13 22.83 -27.60
CA ALA D 136 -41.08 21.41 -27.32
C ALA D 136 -39.77 20.78 -27.81
N GLN D 137 -38.67 21.52 -27.62
CA GLN D 137 -37.32 21.10 -28.02
C GLN D 137 -37.12 19.60 -28.15
N THR D 138 -36.54 19.18 -29.28
CA THR D 138 -36.26 17.77 -29.55
C THR D 138 -37.49 16.84 -29.44
N ASN D 139 -38.19 16.71 -30.58
CA ASN D 139 -39.43 15.94 -30.76
C ASN D 139 -39.23 14.45 -31.17
N SER D 140 -40.21 13.58 -30.88
CA SER D 140 -40.15 12.16 -31.29
C SER D 140 -39.14 11.24 -30.53
N MET D 141 -38.58 11.77 -29.47
CA MET D 141 -37.64 11.16 -28.53
C MET D 141 -37.17 12.45 -27.85
N VAL D 142 -36.93 12.39 -26.55
CA VAL D 142 -36.53 13.60 -25.86
C VAL D 142 -35.25 13.45 -25.09
N THR D 143 -34.52 14.55 -25.00
CA THR D 143 -33.30 14.53 -24.25
C THR D 143 -33.56 15.35 -23.01
N LEU D 144 -33.33 14.76 -21.86
CA LEU D 144 -33.53 15.46 -20.60
C LEU D 144 -32.13 15.71 -20.08
N GLY D 145 -31.99 16.39 -18.95
CA GLY D 145 -30.66 16.68 -18.44
C GLY D 145 -30.48 16.64 -16.93
N CYS D 146 -29.33 17.12 -16.45
CA CYS D 146 -29.06 17.13 -15.01
C CYS D 146 -27.64 17.63 -14.80
N LEU D 147 -27.52 18.90 -14.45
CA LEU D 147 -26.21 19.50 -14.23
C LEU D 147 -25.78 19.35 -12.79
N VAL D 148 -24.51 18.99 -12.59
CA VAL D 148 -23.96 18.82 -11.26
C VAL D 148 -22.82 19.84 -11.14
N LYS D 149 -23.18 21.05 -10.74
CA LYS D 149 -22.22 22.14 -10.62
C LYS D 149 -21.56 22.30 -9.25
N GLY D 150 -20.27 22.60 -9.27
CA GLY D 150 -19.48 22.84 -8.08
C GLY D 150 -19.37 21.77 -6.99
N TYR D 151 -18.28 21.02 -6.98
CA TYR D 151 -18.09 20.00 -5.96
C TYR D 151 -16.63 19.69 -5.93
N PHE D 152 -16.17 18.93 -4.94
CA PHE D 152 -14.77 18.58 -4.95
C PHE D 152 -14.41 17.09 -4.83
N PRO D 153 -13.58 16.69 -3.85
CA PRO D 153 -13.16 15.29 -3.74
C PRO D 153 -13.66 14.45 -4.93
N GLU D 154 -13.43 14.98 -6.15
CA GLU D 154 -13.84 14.45 -7.46
C GLU D 154 -14.86 13.34 -7.77
N PRO D 155 -14.56 12.08 -7.37
CA PRO D 155 -15.48 10.96 -7.63
C PRO D 155 -16.94 11.25 -7.35
N VAL D 156 -17.74 11.21 -8.40
CA VAL D 156 -19.16 11.42 -8.28
C VAL D 156 -19.81 10.36 -9.17
N THR D 157 -20.77 9.65 -8.61
CA THR D 157 -21.45 8.58 -9.35
C THR D 157 -22.83 9.14 -9.73
N VAL D 158 -23.07 9.27 -11.03
CA VAL D 158 -24.35 9.77 -11.51
C VAL D 158 -25.17 8.60 -12.07
N THR D 159 -26.50 8.65 -11.94
CA THR D 159 -27.36 7.58 -12.45
C THR D 159 -28.79 8.04 -12.74
N TRP D 160 -29.56 7.21 -13.46
CA TRP D 160 -30.96 7.53 -13.76
C TRP D 160 -31.94 6.45 -13.34
N ASN D 161 -33.03 6.89 -12.73
CA ASN D 161 -34.05 5.98 -12.23
C ASN D 161 -33.36 4.81 -11.55
N SER D 162 -32.57 5.13 -10.51
CA SER D 162 -31.83 4.13 -9.71
C SER D 162 -31.13 3.02 -10.50
N GLY D 163 -30.78 3.31 -11.75
CA GLY D 163 -30.14 2.30 -12.59
C GLY D 163 -30.92 2.17 -13.87
N SER D 164 -32.11 1.56 -13.78
CA SER D 164 -33.01 1.34 -14.92
C SER D 164 -32.60 1.99 -16.23
N LEU D 165 -32.80 3.31 -16.34
CA LEU D 165 -32.45 3.99 -17.57
C LEU D 165 -30.94 4.03 -17.71
N SER D 166 -30.45 3.55 -18.85
CA SER D 166 -29.02 3.52 -19.14
C SER D 166 -28.79 3.57 -20.65
N SER D 167 -29.56 2.80 -21.41
CA SER D 167 -29.45 2.79 -22.86
C SER D 167 -29.76 4.19 -23.41
N GLY D 168 -28.89 5.15 -23.12
CA GLY D 168 -29.10 6.51 -23.59
C GLY D 168 -28.42 7.60 -22.76
N VAL D 169 -27.71 7.18 -21.72
CA VAL D 169 -27.04 8.11 -20.85
C VAL D 169 -25.74 8.59 -21.46
N HIS D 170 -25.37 9.81 -21.08
CA HIS D 170 -24.13 10.44 -21.54
C HIS D 170 -23.62 11.31 -20.39
N THR D 171 -22.94 10.67 -19.45
CA THR D 171 -22.35 11.32 -18.27
C THR D 171 -20.94 11.90 -18.59
N PHE D 172 -20.92 13.18 -18.92
CA PHE D 172 -19.70 13.88 -19.30
C PHE D 172 -18.59 13.96 -18.27
N PRO D 173 -17.41 14.46 -18.70
CA PRO D 173 -16.23 14.62 -17.84
C PRO D 173 -16.33 15.91 -17.01
N ALA D 174 -16.04 15.83 -15.72
CA ALA D 174 -16.13 17.04 -14.91
C ALA D 174 -15.11 18.02 -15.44
N VAL D 175 -15.24 19.28 -15.06
CA VAL D 175 -14.28 20.28 -15.50
C VAL D 175 -14.00 21.22 -14.34
N LEU D 176 -12.76 21.65 -14.25
CA LEU D 176 -12.40 22.56 -13.18
C LEU D 176 -13.12 23.84 -13.48
N GLN D 177 -13.99 24.26 -12.58
CA GLN D 177 -14.68 25.49 -12.87
C GLN D 177 -13.83 26.62 -12.33
N SER D 178 -13.88 26.78 -11.02
CA SER D 178 -13.11 27.79 -10.34
C SER D 178 -12.68 27.16 -9.02
N ASP D 179 -11.86 26.12 -9.14
CA ASP D 179 -11.32 25.36 -8.02
C ASP D 179 -12.27 24.27 -7.57
N LEU D 180 -13.41 24.21 -8.25
CA LEU D 180 -14.43 23.23 -7.94
C LEU D 180 -14.93 22.63 -9.24
N TYR D 181 -15.32 21.37 -9.14
CA TYR D 181 -15.80 20.57 -10.25
C TYR D 181 -17.22 20.81 -10.69
N THR D 182 -17.43 20.70 -12.00
CA THR D 182 -18.75 20.88 -12.59
C THR D 182 -18.97 19.82 -13.65
N LEU D 183 -19.81 18.84 -13.37
CA LEU D 183 -20.07 17.86 -14.40
C LEU D 183 -21.54 17.94 -14.78
N SER D 184 -21.90 17.25 -15.85
CA SER D 184 -23.28 17.22 -16.34
C SER D 184 -23.55 15.87 -17.00
N SER D 185 -24.75 15.32 -16.80
CA SER D 185 -25.08 14.04 -17.41
C SER D 185 -26.30 14.18 -18.31
N SER D 186 -26.30 13.43 -19.40
CA SER D 186 -27.37 13.47 -20.37
C SER D 186 -28.08 12.16 -20.44
N VAL D 187 -29.37 12.20 -20.73
CA VAL D 187 -30.15 10.99 -20.87
C VAL D 187 -31.30 11.26 -21.81
N THR D 188 -31.37 10.51 -22.89
CA THR D 188 -32.45 10.70 -23.86
C THR D 188 -33.34 9.48 -23.84
N VAL D 189 -34.62 9.67 -24.11
CA VAL D 189 -35.55 8.56 -24.12
C VAL D 189 -36.66 8.82 -25.15
N PRO D 190 -37.60 7.88 -25.29
CA PRO D 190 -38.68 8.08 -26.26
C PRO D 190 -39.74 9.02 -25.67
N SER D 191 -40.50 9.70 -26.54
CA SER D 191 -41.52 10.64 -26.08
C SER D 191 -42.53 10.07 -25.07
N SER D 192 -42.73 8.76 -25.10
CA SER D 192 -43.67 8.09 -24.19
C SER D 192 -43.32 8.30 -22.72
N PRO D 193 -42.15 7.80 -22.26
CA PRO D 193 -41.80 8.00 -20.84
C PRO D 193 -42.02 9.43 -20.33
N ARG D 194 -41.08 10.32 -20.62
CA ARG D 194 -41.20 11.72 -20.18
C ARG D 194 -42.12 12.49 -21.11
N PRO D 195 -43.00 13.34 -20.56
CA PRO D 195 -43.30 13.61 -19.15
C PRO D 195 -44.06 12.58 -18.31
N SER D 196 -44.77 11.68 -18.95
CA SER D 196 -45.59 10.68 -18.24
C SER D 196 -44.89 9.87 -17.14
N GLU D 197 -43.87 9.12 -17.54
CA GLU D 197 -43.11 8.34 -16.59
C GLU D 197 -42.26 9.36 -15.87
N THR D 198 -41.94 9.09 -14.61
CA THR D 198 -41.11 10.04 -13.86
C THR D 198 -39.63 9.65 -14.06
N VAL D 199 -38.85 10.58 -14.61
CA VAL D 199 -37.43 10.38 -14.87
C VAL D 199 -36.60 11.10 -13.81
N THR D 200 -35.49 10.49 -13.41
CA THR D 200 -34.69 11.10 -12.36
C THR D 200 -33.19 10.80 -12.39
N CYS D 201 -32.40 11.79 -11.97
CA CYS D 201 -30.97 11.59 -11.90
C CYS D 201 -30.61 11.54 -10.42
N ASN D 202 -29.75 10.59 -10.09
CA ASN D 202 -29.30 10.39 -8.73
C ASN D 202 -27.77 10.43 -8.76
N VAL D 203 -27.20 11.48 -8.15
CA VAL D 203 -25.76 11.65 -8.13
C VAL D 203 -25.15 11.33 -6.76
N ALA D 204 -24.02 10.62 -6.79
CA ALA D 204 -23.30 10.21 -5.58
C ALA D 204 -21.99 10.92 -5.39
N HIS D 205 -21.58 10.98 -4.12
CA HIS D 205 -20.34 11.62 -3.71
C HIS D 205 -20.11 11.15 -2.28
N PRO D 206 -19.40 10.02 -2.12
CA PRO D 206 -19.14 9.50 -0.76
C PRO D 206 -18.32 10.45 0.09
N ALA D 207 -17.31 11.06 -0.53
CA ALA D 207 -16.39 11.98 0.12
C ALA D 207 -17.05 13.01 1.01
N SER D 208 -18.21 13.51 0.57
CA SER D 208 -18.94 14.47 1.37
C SER D 208 -20.17 13.75 1.92
N SER D 209 -20.22 12.44 1.69
CA SER D 209 -21.33 11.63 2.17
C SER D 209 -22.67 12.16 1.69
N THR D 210 -22.70 12.73 0.49
CA THR D 210 -23.97 13.25 0.00
C THR D 210 -24.67 12.25 -0.92
N LYS D 211 -25.96 12.47 -1.15
CA LYS D 211 -26.76 11.60 -1.99
C LYS D 211 -28.10 12.29 -2.27
N VAL D 212 -28.27 12.77 -3.50
CA VAL D 212 -29.48 13.47 -3.89
C VAL D 212 -30.25 12.91 -5.08
N ASP D 213 -31.57 13.14 -5.07
CA ASP D 213 -32.47 12.74 -6.14
C ASP D 213 -33.12 13.99 -6.66
N LYS D 214 -33.30 14.08 -7.97
CA LYS D 214 -33.94 15.24 -8.54
C LYS D 214 -34.78 14.75 -9.69
N LYS D 215 -36.07 14.95 -9.59
CA LYS D 215 -36.97 14.53 -10.65
C LYS D 215 -37.04 15.63 -11.71
N ILE D 216 -36.84 15.24 -12.97
CA ILE D 216 -36.92 16.23 -14.04
C ILE D 216 -38.39 16.24 -14.50
N VAL D 217 -39.07 17.34 -14.15
CA VAL D 217 -40.47 17.56 -14.48
C VAL D 217 -40.71 18.81 -15.31
N PRO D 218 -41.61 18.70 -16.30
CA PRO D 218 -41.99 19.77 -17.23
C PRO D 218 -42.13 21.17 -16.64
N ARG D 219 -42.52 22.11 -17.51
CA ARG D 219 -42.67 23.52 -17.18
C ARG D 219 -41.28 24.10 -17.15
N ASP D 220 -41.08 25.15 -16.35
CA ASP D 220 -39.75 25.78 -16.22
C ASP D 220 -39.83 27.04 -15.32
#